data_1NFI
#
_entry.id   1NFI
#
_cell.length_a   49.094
_cell.length_b   91.080
_cell.length_c   190.980
_cell.angle_alpha   90.00
_cell.angle_beta   96.32
_cell.angle_gamma   90.00
#
_symmetry.space_group_name_H-M   'P 1 21 1'
#
loop_
_entity.id
_entity.type
_entity.pdbx_description
1 polymer 'NF-KAPPA-B P65'
2 polymer 'NF-KAPPA-B P50'
3 polymer I-KAPPA-B-ALPHA
4 water water
#
loop_
_entity_poly.entity_id
_entity_poly.type
_entity_poly.pdbx_seq_one_letter_code
_entity_poly.pdbx_strand_id
1 'polypeptide(L)'
;YVEIIEQPKQRGMRFRYKCEGRSAGSIPGERSTDTTKTHPTIKINGYTGPGTVRISLVTKDPPHRPHPHELVGKDCRDGF
YEAELCPDRCIHSFQNLGIQCVKKRDLEQAISQRIQTNNNPFQVPIEEQRGDYDLNAVRLCFQVTVRDPSGRPLRLPPVL
PHPIFDNRAPNTAELKICRVNRNSGSCLGGDEIFLLCDKVQKEDIEVYFTGPGWEARGSFSQADVHRQVAIVFRTPPYAD
PSLQAPVRVSMQLRRPSDRELSEPMEFQYLPDTDDRHRIEEKRKRTYETFKSIMKKSPFSG
;
A,C
2 'polypeptide(L)'
;SNLKIVRMDRTAGCVTGGEEIYLLCDKVQKDDIQIRFYEEEENGGVWEGFGDFSPTDVHRQFAIVFKTPKYKDINITKPA
SVFVQLRRKSDLETSEPKPFLYYPEIK
;
B,D
3 'polypeptide(L)'
;LTEDGDSFLHLAIIHEEKALTMEVIRQVKGDLAFLNFQNNLQQTPLHLAVITNQPEIAEALLGAGCDPELRDFRGNTPLH
LACEQGCLASVGVLTQSCTTPHLHSILKATNYNGHTCLHLASIHGYLGIVELLVSLGADVNAQEPCNGRTALHLAVDLQN
PDLVSLLLKCGADVNRVTYQGYSPYQLTWGRPSTRIQQQLGQLTLENLQMLPE
;
E,F
#
# COMPACT_ATOMS: atom_id res chain seq x y z
N TYR A 1 6.07 13.65 -13.00
CA TYR A 1 5.11 14.44 -12.21
C TYR A 1 3.67 14.44 -12.77
N VAL A 2 2.75 15.00 -11.99
CA VAL A 2 1.34 15.06 -12.37
C VAL A 2 0.83 16.50 -12.53
N GLU A 3 -0.01 16.71 -13.53
CA GLU A 3 -0.58 18.02 -13.81
C GLU A 3 -2.11 17.91 -13.70
N ILE A 4 -2.80 19.00 -14.01
CA ILE A 4 -4.26 19.01 -13.95
C ILE A 4 -4.77 19.45 -15.32
N ILE A 5 -5.65 18.64 -15.90
CA ILE A 5 -6.23 18.93 -17.20
C ILE A 5 -7.60 19.60 -17.10
N GLU A 6 -8.56 18.93 -16.47
CA GLU A 6 -9.89 19.50 -16.30
C GLU A 6 -10.10 20.00 -14.88
N GLN A 7 -9.61 21.20 -14.59
CA GLN A 7 -9.77 21.81 -13.26
C GLN A 7 -11.22 21.69 -12.79
N PRO A 8 -11.45 21.78 -11.47
CA PRO A 8 -12.83 21.70 -10.97
C PRO A 8 -13.51 23.05 -11.21
N LYS A 9 -14.80 23.04 -11.50
CA LYS A 9 -15.53 24.28 -11.73
C LYS A 9 -15.41 25.11 -10.45
N GLN A 10 -14.56 26.13 -10.46
CA GLN A 10 -14.33 26.96 -9.27
C GLN A 10 -15.39 28.00 -8.95
N ARG A 11 -16.51 27.97 -9.67
CA ARG A 11 -17.57 28.94 -9.44
C ARG A 11 -18.92 28.23 -9.57
N GLY A 12 -19.80 28.45 -8.60
CA GLY A 12 -21.12 27.83 -8.66
C GLY A 12 -21.27 26.43 -8.10
N MET A 13 -20.69 26.19 -6.92
CA MET A 13 -20.77 24.88 -6.27
C MET A 13 -21.36 25.06 -4.88
N ARG A 14 -22.44 24.34 -4.58
CA ARG A 14 -23.10 24.39 -3.28
C ARG A 14 -22.53 23.36 -2.31
N PHE A 15 -21.74 23.79 -1.34
CA PHE A 15 -21.17 22.86 -0.39
C PHE A 15 -22.29 22.14 0.38
N ARG A 16 -22.50 20.87 0.04
CA ARG A 16 -23.53 20.02 0.66
C ARG A 16 -23.29 19.83 2.15
N TYR A 17 -24.37 19.71 2.92
CA TYR A 17 -24.26 19.51 4.36
C TYR A 17 -24.46 18.05 4.81
N LYS A 18 -24.62 17.87 6.13
CA LYS A 18 -24.82 16.55 6.72
C LYS A 18 -25.91 15.76 6.02
N CYS A 19 -26.91 16.47 5.52
CA CYS A 19 -28.05 15.85 4.84
C CYS A 19 -28.62 16.80 3.77
N GLU A 20 -28.12 16.68 2.55
CA GLU A 20 -28.60 17.54 1.47
C GLU A 20 -29.25 16.68 0.39
N GLY A 21 -30.27 15.92 0.79
CA GLY A 21 -30.96 15.05 -0.15
C GLY A 21 -30.24 13.72 -0.29
N ARG A 22 -29.78 13.17 0.83
CA ARG A 22 -29.05 11.90 0.86
C ARG A 22 -27.69 12.06 0.19
N SER A 23 -27.72 12.55 -1.05
CA SER A 23 -26.53 12.77 -1.85
C SER A 23 -26.54 14.15 -2.50
N ALA A 24 -26.15 14.20 -3.77
CA ALA A 24 -26.10 15.45 -4.52
C ALA A 24 -25.66 15.16 -5.95
N GLY A 25 -24.48 15.65 -6.32
CA GLY A 25 -23.95 15.45 -7.65
C GLY A 25 -22.44 15.25 -7.65
N SER A 26 -21.80 15.57 -8.76
CA SER A 26 -20.36 15.42 -8.89
C SER A 26 -19.72 16.77 -9.18
N ILE A 27 -18.58 17.06 -8.55
CA ILE A 27 -17.90 18.32 -8.80
C ILE A 27 -17.48 18.32 -10.28
N PRO A 28 -18.05 19.24 -11.07
CA PRO A 28 -17.80 19.43 -12.51
C PRO A 28 -16.42 19.95 -12.91
N GLY A 29 -16.07 19.74 -14.17
CA GLY A 29 -14.79 20.21 -14.67
C GLY A 29 -14.80 21.71 -14.89
N GLU A 30 -13.64 22.27 -15.23
CA GLU A 30 -13.54 23.70 -15.46
C GLU A 30 -14.25 24.06 -16.74
N ARG A 31 -14.78 23.05 -17.43
CA ARG A 31 -15.48 23.27 -18.69
C ARG A 31 -16.61 22.26 -18.82
N SER A 32 -17.23 21.95 -17.69
CA SER A 32 -18.34 21.01 -17.66
C SER A 32 -19.66 21.65 -18.07
N THR A 33 -19.93 21.63 -19.37
CA THR A 33 -21.17 22.20 -19.89
C THR A 33 -22.38 21.45 -19.36
N ASP A 34 -23.54 22.09 -19.43
CA ASP A 34 -24.77 21.47 -18.97
C ASP A 34 -25.15 20.41 -20.00
N THR A 35 -24.45 20.45 -21.14
CA THR A 35 -24.68 19.50 -22.24
C THR A 35 -23.84 18.23 -22.07
N THR A 36 -22.52 18.38 -22.19
CA THR A 36 -21.59 17.26 -22.04
C THR A 36 -20.84 17.37 -20.72
N LYS A 37 -21.52 17.04 -19.63
CA LYS A 37 -20.93 17.12 -18.28
C LYS A 37 -19.64 16.33 -18.10
N THR A 38 -18.54 17.05 -17.91
CA THR A 38 -17.23 16.42 -17.68
C THR A 38 -16.89 16.56 -16.20
N HIS A 39 -15.76 16.00 -15.79
CA HIS A 39 -15.35 16.08 -14.38
C HIS A 39 -13.86 16.36 -14.28
N PRO A 40 -13.34 16.59 -13.05
CA PRO A 40 -11.91 16.86 -12.90
C PRO A 40 -11.06 15.74 -13.51
N THR A 41 -9.92 16.09 -14.10
CA THR A 41 -9.06 15.09 -14.72
C THR A 41 -7.58 15.47 -14.65
N ILE A 42 -6.76 14.55 -14.15
CA ILE A 42 -5.33 14.80 -14.09
C ILE A 42 -4.65 13.93 -15.14
N LYS A 43 -3.35 14.11 -15.29
CA LYS A 43 -2.60 13.32 -16.25
C LYS A 43 -1.25 13.01 -15.63
N ILE A 44 -0.99 11.73 -15.39
CA ILE A 44 0.28 11.32 -14.81
C ILE A 44 1.31 11.40 -15.94
N ASN A 45 2.17 12.42 -15.86
CA ASN A 45 3.18 12.66 -16.88
C ASN A 45 4.45 11.82 -16.70
N GLY A 46 4.69 10.93 -17.67
CA GLY A 46 5.88 10.10 -17.63
C GLY A 46 5.75 8.76 -16.94
N TYR A 47 4.54 8.21 -16.93
CA TYR A 47 4.29 6.93 -16.29
C TYR A 47 2.89 6.45 -16.62
N THR A 48 2.80 5.26 -17.21
CA THR A 48 1.50 4.70 -17.58
C THR A 48 1.24 3.33 -16.95
N GLY A 49 1.64 3.14 -15.69
CA GLY A 49 1.44 1.86 -15.02
C GLY A 49 0.65 1.93 -13.72
N PRO A 50 0.81 0.94 -12.82
CA PRO A 50 0.13 0.83 -11.52
C PRO A 50 0.51 1.93 -10.51
N GLY A 51 -0.49 2.52 -9.86
CA GLY A 51 -0.23 3.57 -8.89
C GLY A 51 -1.42 3.90 -8.01
N THR A 52 -1.30 4.97 -7.23
CA THR A 52 -2.38 5.37 -6.32
C THR A 52 -2.55 6.89 -6.25
N VAL A 53 -3.80 7.36 -6.21
CA VAL A 53 -4.11 8.79 -6.14
C VAL A 53 -4.88 9.19 -4.88
N ARG A 54 -4.40 10.25 -4.22
CA ARG A 54 -4.99 10.77 -3.01
C ARG A 54 -5.63 12.15 -3.20
N ILE A 55 -6.98 12.19 -3.21
CA ILE A 55 -7.71 13.46 -3.36
C ILE A 55 -8.01 13.99 -1.98
N SER A 56 -7.29 15.03 -1.58
CA SER A 56 -7.46 15.64 -0.26
C SER A 56 -7.90 17.12 -0.37
N LEU A 57 -8.50 17.65 0.68
CA LEU A 57 -8.92 19.06 0.69
C LEU A 57 -8.00 19.90 1.54
N VAL A 58 -7.24 20.77 0.90
CA VAL A 58 -6.32 21.66 1.60
C VAL A 58 -6.90 23.07 1.58
N THR A 59 -6.21 24.02 2.20
CA THR A 59 -6.71 25.39 2.26
C THR A 59 -6.21 26.25 1.10
N LYS A 60 -7.11 27.10 0.61
CA LYS A 60 -6.86 28.02 -0.49
C LYS A 60 -5.56 28.80 -0.41
N ASP A 61 -5.56 29.81 0.47
CA ASP A 61 -4.42 30.69 0.68
C ASP A 61 -3.14 29.96 1.13
N PRO A 62 -1.98 30.65 1.09
CA PRO A 62 -0.63 30.16 1.44
C PRO A 62 -0.38 29.19 2.59
N PRO A 63 -1.16 29.26 3.68
CA PRO A 63 -0.90 28.32 4.77
C PRO A 63 -0.99 26.84 4.35
N HIS A 64 -1.92 26.55 3.45
CA HIS A 64 -2.15 25.18 2.92
C HIS A 64 -2.13 24.04 3.93
N ARG A 65 -3.23 23.85 4.64
CA ARG A 65 -3.33 22.78 5.63
C ARG A 65 -4.57 21.94 5.32
N PRO A 66 -4.69 20.76 5.93
CA PRO A 66 -5.86 19.91 5.68
C PRO A 66 -7.11 20.68 6.12
N HIS A 67 -7.95 21.03 5.15
CA HIS A 67 -9.16 21.79 5.40
C HIS A 67 -10.24 21.04 6.18
N PRO A 68 -10.95 21.73 7.08
CA PRO A 68 -12.01 21.14 7.89
C PRO A 68 -13.03 20.34 7.07
N HIS A 69 -13.41 20.85 5.90
CA HIS A 69 -14.38 20.13 5.07
C HIS A 69 -13.91 18.73 4.70
N GLU A 70 -14.88 17.88 4.37
CA GLU A 70 -14.63 16.48 4.07
C GLU A 70 -15.11 15.99 2.72
N LEU A 71 -14.18 15.55 1.88
CA LEU A 71 -14.54 15.02 0.57
C LEU A 71 -15.22 13.67 0.71
N VAL A 72 -16.51 13.64 0.40
CA VAL A 72 -17.28 12.41 0.50
C VAL A 72 -17.50 11.84 -0.90
N GLY A 73 -18.04 10.63 -0.98
CA GLY A 73 -18.28 10.01 -2.27
C GLY A 73 -17.72 8.61 -2.42
N LYS A 74 -17.69 8.11 -3.66
CA LYS A 74 -17.18 6.77 -3.95
C LYS A 74 -15.67 6.70 -3.74
N ASP A 75 -15.23 5.65 -3.03
CA ASP A 75 -13.82 5.43 -2.73
C ASP A 75 -13.24 6.55 -1.87
N CYS A 76 -14.05 7.07 -0.95
CA CYS A 76 -13.60 8.15 -0.09
C CYS A 76 -13.70 7.80 1.38
N ARG A 77 -12.71 8.21 2.17
CA ARG A 77 -12.71 7.92 3.60
C ARG A 77 -12.70 9.18 4.45
N ASP A 78 -11.83 9.20 5.45
CA ASP A 78 -11.70 10.30 6.39
C ASP A 78 -11.44 11.65 5.75
N GLY A 79 -12.37 12.08 4.90
CA GLY A 79 -12.24 13.36 4.24
C GLY A 79 -11.38 13.35 2.99
N PHE A 80 -11.20 12.17 2.39
CA PHE A 80 -10.38 12.09 1.18
C PHE A 80 -10.74 10.91 0.29
N TYR A 81 -10.34 11.01 -0.98
CA TYR A 81 -10.58 9.98 -1.97
C TYR A 81 -9.29 9.18 -2.18
N GLU A 82 -9.41 7.86 -2.11
CA GLU A 82 -8.26 6.97 -2.25
C GLU A 82 -8.59 5.87 -3.27
N ALA A 83 -7.93 5.93 -4.43
CA ALA A 83 -8.14 4.92 -5.47
C ALA A 83 -6.83 4.69 -6.21
N GLU A 84 -6.75 3.62 -6.98
CA GLU A 84 -5.52 3.30 -7.71
C GLU A 84 -5.54 3.63 -9.18
N LEU A 85 -4.43 4.17 -9.66
CA LEU A 85 -4.31 4.54 -11.07
C LEU A 85 -4.34 3.27 -11.91
N CYS A 86 -5.42 3.08 -12.68
CA CYS A 86 -5.55 1.89 -13.53
C CYS A 86 -4.40 1.84 -14.55
N PRO A 87 -3.58 0.77 -14.51
CA PRO A 87 -2.42 0.51 -15.36
C PRO A 87 -2.64 0.51 -16.87
N ASP A 88 -2.95 1.67 -17.43
CA ASP A 88 -3.18 1.80 -18.86
C ASP A 88 -2.91 3.23 -19.30
N ARG A 89 -3.87 4.09 -18.96
CA ARG A 89 -3.86 5.50 -19.30
C ARG A 89 -3.27 6.43 -18.25
N CYS A 90 -3.40 7.72 -18.53
CA CYS A 90 -2.94 8.78 -17.65
C CYS A 90 -3.96 9.89 -17.79
N ILE A 91 -5.15 9.50 -18.20
CA ILE A 91 -6.24 10.44 -18.38
C ILE A 91 -7.34 10.01 -17.39
N HIS A 92 -6.95 9.96 -16.12
CA HIS A 92 -7.84 9.57 -15.04
C HIS A 92 -8.92 10.62 -14.81
N SER A 93 -10.17 10.20 -14.89
CA SER A 93 -11.30 11.09 -14.71
C SER A 93 -12.06 10.81 -13.42
N PHE A 94 -11.81 11.59 -12.38
CA PHE A 94 -12.48 11.39 -11.10
C PHE A 94 -13.92 11.83 -11.22
N GLN A 95 -14.77 10.87 -11.59
CA GLN A 95 -16.20 11.09 -11.77
C GLN A 95 -16.83 11.78 -10.56
N ASN A 96 -17.86 11.14 -10.01
CA ASN A 96 -18.57 11.67 -8.87
C ASN A 96 -17.64 12.01 -7.70
N LEU A 97 -17.85 13.19 -7.13
CA LEU A 97 -17.04 13.69 -6.02
C LEU A 97 -17.99 14.62 -5.27
N GLY A 98 -17.89 14.68 -3.94
CA GLY A 98 -18.77 15.54 -3.17
C GLY A 98 -18.09 16.33 -2.07
N ILE A 99 -18.78 17.35 -1.58
CA ILE A 99 -18.23 18.20 -0.51
C ILE A 99 -19.21 18.45 0.63
N GLN A 100 -18.82 18.03 1.84
CA GLN A 100 -19.65 18.25 3.02
C GLN A 100 -19.02 19.37 3.85
N CYS A 101 -19.80 19.97 4.74
CA CYS A 101 -19.31 21.07 5.56
C CYS A 101 -19.09 20.72 7.03
N VAL A 102 -18.23 21.52 7.67
CA VAL A 102 -17.92 21.35 9.07
C VAL A 102 -18.36 22.59 9.83
N LYS A 103 -19.59 22.54 10.35
CA LYS A 103 -20.18 23.65 11.09
C LYS A 103 -19.17 24.46 11.92
N LYS A 104 -19.48 25.74 12.10
CA LYS A 104 -18.67 26.69 12.86
C LYS A 104 -18.17 26.21 14.23
N ARG A 105 -18.72 25.10 14.73
CA ARG A 105 -18.33 24.57 16.06
C ARG A 105 -17.66 23.19 16.02
N ASP A 106 -17.43 22.64 14.84
CA ASP A 106 -16.81 21.32 14.73
C ASP A 106 -15.44 21.41 14.06
N LEU A 107 -14.78 22.56 14.21
CA LEU A 107 -13.47 22.74 13.61
C LEU A 107 -12.42 21.87 14.30
N GLU A 108 -12.21 22.08 15.59
CA GLU A 108 -11.23 21.31 16.37
C GLU A 108 -11.52 19.82 16.36
N GLN A 109 -12.75 19.45 16.01
CA GLN A 109 -13.13 18.04 15.95
C GLN A 109 -12.76 17.53 14.57
N ALA A 110 -12.99 18.36 13.55
CA ALA A 110 -12.69 18.00 12.18
C ALA A 110 -11.17 18.01 11.98
N ILE A 111 -10.50 18.93 12.67
CA ILE A 111 -9.04 19.02 12.57
C ILE A 111 -8.37 17.88 13.30
N SER A 112 -9.10 17.23 14.20
CA SER A 112 -8.55 16.10 14.93
C SER A 112 -8.58 14.89 14.00
N GLN A 113 -9.74 14.59 13.44
CA GLN A 113 -9.89 13.45 12.52
C GLN A 113 -9.15 13.75 11.22
N ARG A 114 -8.45 14.88 11.21
CA ARG A 114 -7.69 15.30 10.03
C ARG A 114 -6.22 15.02 10.25
N ILE A 115 -5.83 14.82 11.52
CA ILE A 115 -4.44 14.53 11.86
C ILE A 115 -4.26 13.11 12.36
N GLN A 116 -5.35 12.49 12.80
CA GLN A 116 -5.30 11.10 13.28
C GLN A 116 -5.06 10.24 12.05
N THR A 117 -5.66 10.63 10.94
CA THR A 117 -5.50 9.93 9.67
C THR A 117 -4.46 10.75 8.89
N ASN A 118 -4.09 11.89 9.48
CA ASN A 118 -3.13 12.84 8.92
C ASN A 118 -3.11 12.96 7.39
N ASN A 119 -3.81 13.96 6.88
CA ASN A 119 -3.89 14.22 5.45
C ASN A 119 -2.73 15.07 4.94
N ASN A 120 -2.21 15.94 5.80
CA ASN A 120 -1.09 16.83 5.48
C ASN A 120 -0.36 16.53 4.18
N PRO A 121 -0.87 17.05 3.05
CA PRO A 121 -0.31 16.87 1.72
C PRO A 121 1.05 17.56 1.56
N PHE A 122 1.27 18.62 2.32
CA PHE A 122 2.53 19.36 2.26
C PHE A 122 3.32 19.10 3.53
N GLN A 123 2.65 18.45 4.49
CA GLN A 123 3.26 18.09 5.76
C GLN A 123 3.59 19.29 6.63
N VAL A 124 2.98 20.44 6.32
CA VAL A 124 3.22 21.64 7.11
C VAL A 124 3.06 21.29 8.58
N PRO A 125 3.76 22.02 9.46
CA PRO A 125 3.69 21.77 10.90
C PRO A 125 2.28 21.48 11.38
N ILE A 126 2.05 20.22 11.75
CA ILE A 126 0.77 19.75 12.24
C ILE A 126 0.36 20.49 13.51
N GLU A 127 1.28 21.31 14.03
CA GLU A 127 1.01 22.07 15.24
C GLU A 127 0.70 23.55 14.96
N GLU A 128 0.21 23.82 13.75
CA GLU A 128 -0.17 25.17 13.34
C GLU A 128 -1.63 25.20 12.91
N GLN A 129 -2.34 24.13 13.23
CA GLN A 129 -3.76 23.99 12.92
C GLN A 129 -4.62 24.64 14.02
N ARG A 130 -3.96 25.37 14.92
CA ARG A 130 -4.63 26.08 16.00
C ARG A 130 -5.26 27.35 15.43
N GLY A 131 -5.09 27.55 14.14
CA GLY A 131 -5.63 28.73 13.48
C GLY A 131 -7.05 28.51 13.01
N ASP A 132 -7.67 29.56 12.46
CA ASP A 132 -9.05 29.47 11.96
C ASP A 132 -9.01 29.15 10.46
N TYR A 133 -10.15 28.71 9.90
CA TYR A 133 -10.19 28.37 8.48
C TYR A 133 -11.28 29.10 7.69
N ASP A 134 -11.10 29.14 6.37
CA ASP A 134 -12.06 29.79 5.47
C ASP A 134 -12.94 28.69 4.90
N LEU A 135 -14.02 28.38 5.62
CA LEU A 135 -14.96 27.33 5.23
C LEU A 135 -15.67 27.52 3.89
N ASN A 136 -15.35 28.60 3.18
CA ASN A 136 -15.97 28.86 1.88
C ASN A 136 -15.01 28.70 0.70
N ALA A 137 -13.76 28.34 1.00
CA ALA A 137 -12.75 28.16 -0.06
C ALA A 137 -11.92 26.90 0.20
N VAL A 138 -11.83 26.04 -0.81
CA VAL A 138 -11.06 24.82 -0.69
C VAL A 138 -10.42 24.44 -2.01
N ARG A 139 -9.22 23.88 -1.95
CA ARG A 139 -8.50 23.45 -3.16
C ARG A 139 -8.40 21.93 -3.06
N LEU A 140 -8.28 21.26 -4.19
CA LEU A 140 -8.16 19.80 -4.22
C LEU A 140 -6.70 19.40 -4.33
N CYS A 141 -6.17 18.68 -3.34
CA CYS A 141 -4.78 18.26 -3.43
C CYS A 141 -4.70 16.87 -4.09
N PHE A 142 -3.80 16.75 -5.07
CA PHE A 142 -3.62 15.51 -5.81
C PHE A 142 -2.28 14.86 -5.46
N GLN A 143 -2.35 13.67 -4.85
CA GLN A 143 -1.18 12.92 -4.44
C GLN A 143 -1.14 11.57 -5.13
N VAL A 144 -0.24 11.40 -6.09
CA VAL A 144 -0.12 10.14 -6.81
C VAL A 144 1.17 9.44 -6.48
N THR A 145 1.11 8.12 -6.41
CA THR A 145 2.28 7.31 -6.11
C THR A 145 2.49 6.34 -7.25
N VAL A 146 3.68 6.40 -7.86
CA VAL A 146 4.01 5.53 -8.97
C VAL A 146 5.25 4.71 -8.65
N ARG A 147 5.62 3.82 -9.57
CA ARG A 147 6.81 2.98 -9.41
C ARG A 147 8.01 3.71 -10.02
N ASP A 148 9.16 3.63 -9.34
CA ASP A 148 10.38 4.27 -9.82
C ASP A 148 11.12 3.32 -10.77
N PRO A 149 12.37 3.63 -11.16
CA PRO A 149 13.07 2.73 -12.06
C PRO A 149 13.07 1.26 -11.59
N SER A 150 13.45 1.05 -10.32
CA SER A 150 13.47 -0.29 -9.75
C SER A 150 12.07 -0.91 -9.88
N GLY A 151 11.14 -0.38 -9.09
CA GLY A 151 9.77 -0.87 -9.08
C GLY A 151 9.14 -0.50 -7.76
N ARG A 152 9.86 0.31 -6.99
CA ARG A 152 9.42 0.76 -5.69
C ARG A 152 8.47 1.94 -5.84
N PRO A 153 7.80 2.35 -4.75
CA PRO A 153 6.86 3.48 -4.78
C PRO A 153 7.62 4.80 -5.01
N LEU A 154 7.01 5.72 -5.77
CA LEU A 154 7.64 7.00 -6.05
C LEU A 154 6.82 8.21 -5.60
N ARG A 155 7.48 9.10 -4.85
CA ARG A 155 6.91 10.31 -4.29
C ARG A 155 5.87 11.07 -5.11
N LEU A 156 6.31 11.95 -6.00
CA LEU A 156 5.40 12.77 -6.84
C LEU A 156 4.79 13.88 -5.98
N PRO A 157 5.47 15.04 -5.92
CA PRO A 157 5.00 16.18 -5.13
C PRO A 157 3.56 16.59 -5.46
N PRO A 158 2.82 17.04 -4.43
CA PRO A 158 1.43 17.48 -4.53
C PRO A 158 1.19 18.61 -5.54
N VAL A 159 -0.05 18.70 -5.99
CA VAL A 159 -0.44 19.72 -6.95
C VAL A 159 -1.84 20.20 -6.64
N LEU A 160 -1.98 21.51 -6.42
CA LEU A 160 -3.27 22.12 -6.10
C LEU A 160 -3.94 22.71 -7.33
N PRO A 161 -5.27 22.62 -7.41
CA PRO A 161 -6.10 23.13 -8.51
C PRO A 161 -6.68 24.48 -8.12
N HIS A 162 -7.38 25.10 -9.07
CA HIS A 162 -8.03 26.38 -8.83
C HIS A 162 -8.97 26.16 -7.65
N PRO A 163 -8.98 27.09 -6.69
CA PRO A 163 -9.86 26.96 -5.52
C PRO A 163 -11.33 26.87 -5.89
N ILE A 164 -12.09 26.07 -5.16
CA ILE A 164 -13.52 25.94 -5.43
C ILE A 164 -14.28 26.70 -4.34
N PHE A 165 -15.12 27.65 -4.74
CA PHE A 165 -15.87 28.41 -3.77
C PHE A 165 -17.30 27.94 -3.61
N ASP A 166 -17.88 28.30 -2.48
CA ASP A 166 -19.24 27.92 -2.12
C ASP A 166 -20.25 28.98 -2.61
N ASN A 167 -21.44 28.52 -3.00
CA ASN A 167 -22.51 29.41 -3.45
C ASN A 167 -23.29 30.00 -2.29
N ARG A 168 -22.56 30.42 -1.27
CA ARG A 168 -23.18 31.03 -0.10
C ARG A 168 -22.62 32.43 -0.04
N ALA A 169 -21.41 32.56 0.50
CA ALA A 169 -20.78 33.87 0.62
C ALA A 169 -20.71 34.54 -0.75
N PRO A 170 -21.04 35.83 -0.82
CA PRO A 170 -21.02 36.62 -2.04
C PRO A 170 -19.63 36.63 -2.67
N ASN A 171 -19.53 37.17 -3.88
CA ASN A 171 -18.26 37.28 -4.61
C ASN A 171 -17.66 38.71 -4.49
N THR A 172 -16.46 38.82 -3.92
CA THR A 172 -15.75 40.11 -3.73
C THR A 172 -15.29 40.79 -5.03
N ALA A 173 -14.87 39.97 -5.99
CA ALA A 173 -14.36 40.49 -7.24
C ALA A 173 -15.20 41.62 -7.81
N GLU A 174 -14.54 42.76 -7.97
CA GLU A 174 -15.18 43.94 -8.49
C GLU A 174 -15.33 43.85 -10.04
N LEU A 175 -16.49 44.21 -10.56
CA LEU A 175 -16.70 44.19 -11.99
C LEU A 175 -16.58 45.61 -12.49
N LYS A 176 -15.54 45.90 -13.26
CA LYS A 176 -15.42 47.25 -13.72
C LYS A 176 -14.81 47.43 -15.09
N ILE A 177 -15.49 48.21 -15.91
CA ILE A 177 -15.00 48.51 -17.23
C ILE A 177 -14.17 49.78 -17.01
N CYS A 178 -12.89 49.75 -17.32
CA CYS A 178 -12.08 50.96 -17.14
C CYS A 178 -11.96 51.80 -18.41
N ARG A 179 -11.80 51.14 -19.57
CA ARG A 179 -11.66 51.85 -20.83
C ARG A 179 -12.12 50.97 -21.97
N VAL A 180 -12.57 51.62 -23.02
CA VAL A 180 -13.04 50.95 -24.17
C VAL A 180 -12.42 51.76 -25.32
N ASN A 181 -11.91 51.08 -26.34
CA ASN A 181 -11.26 51.78 -27.45
C ASN A 181 -12.26 52.34 -28.47
N ARG A 182 -13.54 52.02 -28.29
CA ARG A 182 -14.55 52.55 -29.20
C ARG A 182 -15.93 52.38 -28.57
N ASN A 183 -16.76 53.41 -28.70
CA ASN A 183 -18.10 53.42 -28.12
C ASN A 183 -19.22 53.60 -29.13
N SER A 184 -18.94 53.37 -30.40
CA SER A 184 -19.97 53.48 -31.43
C SER A 184 -19.62 52.55 -32.58
N GLY A 185 -20.61 52.04 -33.28
CA GLY A 185 -20.33 51.12 -34.36
C GLY A 185 -21.60 50.86 -35.11
N SER A 186 -21.50 50.15 -36.23
CA SER A 186 -22.65 49.82 -37.07
C SER A 186 -23.71 49.00 -36.35
N CYS A 187 -24.98 49.29 -36.64
CA CYS A 187 -26.06 48.53 -36.05
C CYS A 187 -26.03 47.11 -36.62
N LEU A 188 -25.13 46.86 -37.56
CA LEU A 188 -25.02 45.54 -38.16
C LEU A 188 -24.16 44.62 -37.29
N GLY A 189 -23.42 45.21 -36.35
CA GLY A 189 -22.56 44.44 -35.48
C GLY A 189 -21.24 44.07 -36.10
N GLY A 190 -20.42 43.31 -35.37
CA GLY A 190 -19.14 42.89 -35.90
C GLY A 190 -17.94 43.78 -35.61
N ASP A 191 -18.13 44.94 -35.02
CA ASP A 191 -16.99 45.79 -34.75
C ASP A 191 -16.19 45.21 -33.60
N GLU A 192 -14.87 45.28 -33.71
CA GLU A 192 -13.97 44.73 -32.71
C GLU A 192 -13.75 45.77 -31.64
N ILE A 193 -13.82 45.36 -30.37
CA ILE A 193 -13.62 46.29 -29.27
C ILE A 193 -12.61 45.81 -28.25
N PHE A 194 -11.75 46.72 -27.81
CA PHE A 194 -10.78 46.40 -26.79
C PHE A 194 -11.36 47.06 -25.56
N LEU A 195 -11.54 46.28 -24.50
CA LEU A 195 -12.10 46.75 -23.26
C LEU A 195 -11.13 46.36 -22.18
N LEU A 196 -10.74 47.33 -21.37
CA LEU A 196 -9.79 47.09 -20.29
C LEU A 196 -10.61 47.02 -19.01
N CYS A 197 -10.28 46.06 -18.15
CA CYS A 197 -11.06 45.90 -16.94
C CYS A 197 -10.25 45.41 -15.75
N ASP A 198 -10.90 45.27 -14.60
CA ASP A 198 -10.24 44.72 -13.43
C ASP A 198 -10.39 43.23 -13.61
N LYS A 199 -9.65 42.47 -12.81
CA LYS A 199 -9.66 41.03 -12.94
C LYS A 199 -11.02 40.34 -13.10
N VAL A 200 -11.12 39.50 -14.13
CA VAL A 200 -12.31 38.70 -14.42
C VAL A 200 -11.85 37.28 -14.77
N GLN A 201 -12.74 36.30 -14.68
CA GLN A 201 -12.37 34.94 -15.02
C GLN A 201 -12.80 34.71 -16.46
N LYS A 202 -11.86 34.35 -17.33
CA LYS A 202 -12.22 34.14 -18.72
C LYS A 202 -13.41 33.15 -18.89
N GLU A 203 -13.58 32.22 -17.97
CA GLU A 203 -14.65 31.25 -18.11
C GLU A 203 -15.95 31.64 -17.42
N ASP A 204 -15.96 32.79 -16.75
CA ASP A 204 -17.12 33.26 -16.02
C ASP A 204 -17.29 34.77 -16.21
N ILE A 205 -17.39 35.18 -17.47
CA ILE A 205 -17.55 36.59 -17.81
C ILE A 205 -18.20 36.78 -19.20
N GLU A 206 -18.98 37.84 -19.33
CA GLU A 206 -19.59 38.12 -20.60
C GLU A 206 -19.80 39.63 -20.75
N VAL A 207 -19.82 40.12 -21.99
CA VAL A 207 -20.02 41.54 -22.28
C VAL A 207 -21.46 41.66 -22.72
N TYR A 208 -22.27 42.05 -21.75
CA TYR A 208 -23.72 42.18 -21.85
C TYR A 208 -24.26 43.52 -22.37
N PHE A 209 -24.88 43.49 -23.55
CA PHE A 209 -25.50 44.67 -24.18
C PHE A 209 -27.00 44.76 -23.87
N THR A 210 -27.50 45.96 -23.60
CA THR A 210 -28.93 46.12 -23.33
C THR A 210 -29.45 47.40 -23.89
N GLY A 211 -30.66 47.31 -24.43
CA GLY A 211 -31.33 48.45 -25.03
C GLY A 211 -32.82 48.25 -24.93
N PRO A 212 -33.62 49.13 -25.50
CA PRO A 212 -35.08 49.08 -25.50
C PRO A 212 -35.62 47.71 -25.91
N GLY A 213 -36.04 46.93 -24.92
CA GLY A 213 -36.57 45.60 -25.19
C GLY A 213 -35.53 44.72 -25.86
N TRP A 214 -34.26 45.01 -25.64
CA TRP A 214 -33.19 44.27 -26.28
C TRP A 214 -32.00 43.98 -25.39
N GLU A 215 -31.40 42.82 -25.64
CA GLU A 215 -30.23 42.42 -24.88
C GLU A 215 -29.51 41.37 -25.68
N ALA A 216 -28.20 41.47 -25.72
CA ALA A 216 -27.41 40.53 -26.46
C ALA A 216 -26.03 40.47 -25.85
N ARG A 217 -25.30 39.38 -26.10
CA ARG A 217 -23.95 39.25 -25.61
C ARG A 217 -22.92 39.58 -26.67
N GLY A 218 -21.85 40.24 -26.26
CA GLY A 218 -20.80 40.57 -27.22
C GLY A 218 -19.97 39.29 -27.32
N SER A 219 -19.83 38.75 -28.52
CA SER A 219 -19.07 37.51 -28.67
C SER A 219 -17.56 37.59 -28.57
N PHE A 220 -16.97 36.61 -27.90
CA PHE A 220 -15.52 36.51 -27.80
C PHE A 220 -15.11 35.15 -27.32
N SER A 221 -13.87 34.79 -27.62
CA SER A 221 -13.29 33.51 -27.22
C SER A 221 -12.75 33.70 -25.83
N GLN A 222 -12.59 32.62 -25.07
CA GLN A 222 -12.08 32.79 -23.73
C GLN A 222 -10.62 33.18 -23.82
N ALA A 223 -10.00 32.77 -24.92
CA ALA A 223 -8.60 33.08 -25.17
C ALA A 223 -8.46 34.58 -25.46
N ASP A 224 -9.57 35.25 -25.71
CA ASP A 224 -9.50 36.68 -25.99
C ASP A 224 -9.47 37.52 -24.72
N VAL A 225 -9.59 36.84 -23.58
CA VAL A 225 -9.50 37.47 -22.29
C VAL A 225 -8.02 37.49 -22.03
N HIS A 226 -7.38 38.63 -22.18
CA HIS A 226 -5.94 38.78 -21.96
C HIS A 226 -5.58 39.00 -20.50
N ARG A 227 -4.89 38.06 -19.89
CA ARG A 227 -4.48 38.16 -18.48
C ARG A 227 -5.59 38.61 -17.55
N GLN A 228 -6.81 38.16 -17.83
CA GLN A 228 -7.99 38.48 -17.04
C GLN A 228 -8.15 39.94 -16.76
N VAL A 229 -7.54 40.77 -17.60
CA VAL A 229 -7.56 42.19 -17.37
C VAL A 229 -7.97 42.99 -18.61
N ALA A 230 -8.21 42.29 -19.72
CA ALA A 230 -8.63 42.91 -20.96
C ALA A 230 -9.41 41.91 -21.79
N ILE A 231 -10.40 42.40 -22.53
CA ILE A 231 -11.21 41.53 -23.34
C ILE A 231 -11.29 42.12 -24.74
N VAL A 232 -11.16 41.29 -25.76
CA VAL A 232 -11.32 41.78 -27.10
C VAL A 232 -12.53 41.02 -27.58
N PHE A 233 -13.58 41.73 -27.96
CA PHE A 233 -14.78 41.04 -28.40
C PHE A 233 -15.33 41.79 -29.59
N ARG A 234 -16.40 41.26 -30.18
CA ARG A 234 -17.08 41.92 -31.29
C ARG A 234 -18.47 42.34 -30.82
N THR A 235 -19.00 43.39 -31.39
CA THR A 235 -20.30 43.85 -31.01
C THR A 235 -21.38 42.96 -31.61
N PRO A 236 -22.42 42.69 -30.84
CA PRO A 236 -23.50 41.85 -31.37
C PRO A 236 -24.30 42.76 -32.28
N PRO A 237 -25.06 42.18 -33.21
CA PRO A 237 -25.88 42.99 -34.12
C PRO A 237 -27.03 43.54 -33.30
N TYR A 238 -27.41 44.78 -33.56
CA TYR A 238 -28.50 45.41 -32.83
C TYR A 238 -29.85 44.80 -33.21
N ALA A 239 -30.89 45.16 -32.46
CA ALA A 239 -32.23 44.65 -32.71
C ALA A 239 -32.75 45.10 -34.09
N ASP A 240 -32.40 46.32 -34.48
CA ASP A 240 -32.83 46.90 -35.76
C ASP A 240 -31.65 47.12 -36.70
N PRO A 241 -31.64 46.41 -37.85
CA PRO A 241 -30.62 46.47 -38.91
C PRO A 241 -30.71 47.71 -39.80
N SER A 242 -31.88 48.33 -39.79
CA SER A 242 -32.10 49.49 -40.63
C SER A 242 -32.15 50.80 -39.84
N LEU A 243 -31.33 50.88 -38.81
CA LEU A 243 -31.26 52.07 -37.99
C LEU A 243 -31.20 53.27 -38.93
N GLN A 244 -31.85 54.36 -38.54
CA GLN A 244 -31.88 55.59 -39.34
C GLN A 244 -31.18 56.71 -38.59
N ALA A 245 -31.09 56.56 -37.28
CA ALA A 245 -30.43 57.54 -36.42
C ALA A 245 -29.77 56.77 -35.30
N PRO A 246 -28.76 57.36 -34.67
CA PRO A 246 -28.06 56.70 -33.59
C PRO A 246 -29.01 56.21 -32.53
N VAL A 247 -28.61 55.13 -31.84
CA VAL A 247 -29.39 54.58 -30.74
C VAL A 247 -28.41 54.35 -29.59
N ARG A 248 -28.71 54.89 -28.43
CA ARG A 248 -27.84 54.71 -27.30
C ARG A 248 -28.26 53.44 -26.56
N VAL A 249 -27.32 52.54 -26.32
CA VAL A 249 -27.60 51.31 -25.60
C VAL A 249 -26.53 51.16 -24.54
N SER A 250 -26.77 50.29 -23.56
CA SER A 250 -25.78 50.10 -22.52
C SER A 250 -24.96 48.86 -22.74
N MET A 251 -23.77 48.87 -22.18
CA MET A 251 -22.83 47.76 -22.29
C MET A 251 -22.22 47.54 -20.90
N GLN A 252 -22.25 46.32 -20.40
CA GLN A 252 -21.66 46.06 -19.10
C GLN A 252 -21.15 44.64 -18.94
N LEU A 253 -20.16 44.50 -18.08
CA LEU A 253 -19.57 43.21 -17.78
C LEU A 253 -20.57 42.45 -16.94
N ARG A 254 -20.79 41.19 -17.28
CA ARG A 254 -21.71 40.36 -16.52
C ARG A 254 -21.04 39.03 -16.14
N ARG A 255 -21.10 38.69 -14.85
CA ARG A 255 -20.52 37.45 -14.34
C ARG A 255 -21.66 36.46 -14.18
N PRO A 256 -21.76 35.48 -15.10
CA PRO A 256 -22.83 34.48 -15.07
C PRO A 256 -23.06 33.72 -13.75
N SER A 257 -21.98 33.33 -13.08
CA SER A 257 -22.11 32.56 -11.85
C SER A 257 -23.01 33.18 -10.79
N ASP A 258 -22.95 34.50 -10.62
CA ASP A 258 -23.81 35.16 -9.62
C ASP A 258 -24.64 36.26 -10.22
N ARG A 259 -24.67 36.33 -11.55
CA ARG A 259 -25.46 37.31 -12.28
C ARG A 259 -25.14 38.78 -12.08
N GLU A 260 -24.06 39.09 -11.36
CA GLU A 260 -23.72 40.47 -11.09
C GLU A 260 -23.21 41.31 -12.27
N LEU A 261 -23.38 42.61 -12.17
CA LEU A 261 -23.00 43.52 -13.25
C LEU A 261 -22.13 44.68 -12.81
N SER A 262 -21.38 45.18 -13.79
CA SER A 262 -20.50 46.32 -13.59
C SER A 262 -21.38 47.48 -13.93
N GLU A 263 -20.93 48.70 -13.62
CA GLU A 263 -21.70 49.87 -14.04
C GLU A 263 -21.59 49.85 -15.56
N PRO A 264 -22.59 50.39 -16.26
CA PRO A 264 -22.60 50.43 -17.73
C PRO A 264 -21.67 51.42 -18.40
N MET A 265 -21.38 51.16 -19.67
CA MET A 265 -20.56 52.00 -20.53
C MET A 265 -21.51 52.21 -21.68
N GLU A 266 -21.75 53.46 -22.07
CA GLU A 266 -22.66 53.75 -23.18
C GLU A 266 -22.08 53.28 -24.50
N PHE A 267 -22.95 52.91 -25.42
CA PHE A 267 -22.54 52.49 -26.74
C PHE A 267 -23.64 52.95 -27.66
N GLN A 268 -23.26 53.46 -28.83
CA GLN A 268 -24.20 53.96 -29.80
C GLN A 268 -24.17 53.17 -31.10
N TYR A 269 -25.28 52.55 -31.45
CA TYR A 269 -25.36 51.85 -32.72
C TYR A 269 -25.62 52.90 -33.79
N LEU A 270 -24.97 52.78 -34.92
CA LEU A 270 -25.16 53.75 -35.97
C LEU A 270 -25.73 53.09 -37.22
N PRO A 271 -26.47 53.85 -38.03
CA PRO A 271 -27.04 53.30 -39.25
C PRO A 271 -25.88 52.85 -40.14
N ASP A 272 -26.05 51.71 -40.82
CA ASP A 272 -24.98 51.17 -41.64
C ASP A 272 -24.82 51.85 -42.98
N THR A 273 -23.58 52.10 -43.36
CA THR A 273 -23.27 52.74 -44.63
C THR A 273 -21.96 52.24 -45.21
N ASP A 274 -22.07 51.51 -46.31
CA ASP A 274 -20.91 50.97 -47.00
C ASP A 274 -20.52 51.98 -48.08
N ASP A 275 -19.52 51.62 -48.87
CA ASP A 275 -19.09 52.50 -49.95
C ASP A 275 -20.16 52.62 -51.03
N ARG A 276 -20.92 51.55 -51.23
CA ARG A 276 -21.98 51.54 -52.24
C ARG A 276 -23.00 52.62 -51.93
N HIS A 277 -23.63 52.54 -50.76
CA HIS A 277 -24.63 53.55 -50.37
C HIS A 277 -24.01 54.94 -50.51
N ARG A 278 -22.83 55.10 -49.91
CA ARG A 278 -22.10 56.36 -49.96
C ARG A 278 -21.99 56.89 -51.39
N ILE A 279 -21.61 56.01 -52.31
CA ILE A 279 -21.43 56.37 -53.73
C ILE A 279 -22.78 56.78 -54.33
N GLU A 280 -23.83 56.09 -53.90
CA GLU A 280 -25.18 56.38 -54.39
C GLU A 280 -25.66 57.72 -53.85
N GLU A 281 -25.35 58.00 -52.59
CA GLU A 281 -25.75 59.28 -51.99
C GLU A 281 -25.03 60.36 -52.77
N LYS A 282 -23.85 60.03 -53.28
CA LYS A 282 -23.07 60.97 -54.07
C LYS A 282 -23.60 61.04 -55.50
N ARG A 283 -24.21 59.96 -55.98
CA ARG A 283 -24.73 59.95 -57.33
C ARG A 283 -25.94 60.86 -57.47
N LYS A 284 -27.00 60.53 -56.75
CA LYS A 284 -28.23 61.30 -56.81
C LYS A 284 -28.05 62.76 -56.38
N ARG A 285 -26.94 63.05 -55.71
CA ARG A 285 -26.67 64.43 -55.30
C ARG A 285 -25.71 65.07 -56.30
N THR A 286 -25.68 64.57 -57.54
CA THR A 286 -24.79 65.13 -58.56
C THR A 286 -25.33 65.17 -60.01
N TYR A 287 -26.62 64.89 -60.20
CA TYR A 287 -27.22 64.94 -61.55
C TYR A 287 -26.94 66.28 -62.22
N GLU A 288 -27.18 67.36 -61.48
CA GLU A 288 -27.01 68.71 -62.01
C GLU A 288 -25.56 69.05 -62.34
N THR A 289 -24.68 69.03 -61.33
CA THR A 289 -23.27 69.36 -61.54
C THR A 289 -22.65 68.55 -62.69
N PHE A 290 -23.28 67.42 -63.02
CA PHE A 290 -22.79 66.56 -64.09
C PHE A 290 -23.45 66.84 -65.43
N LYS A 291 -24.78 66.93 -65.45
CA LYS A 291 -25.50 67.21 -66.69
C LYS A 291 -24.92 68.49 -67.27
N SER A 292 -24.52 69.38 -66.37
CA SER A 292 -23.90 70.64 -66.73
C SER A 292 -22.61 70.36 -67.52
N ILE A 293 -21.77 69.50 -66.96
CA ILE A 293 -20.50 69.13 -67.59
C ILE A 293 -20.68 68.32 -68.88
N MET A 294 -21.68 67.44 -68.92
CA MET A 294 -21.92 66.62 -70.11
C MET A 294 -21.92 67.38 -71.43
N LYS A 295 -22.85 68.31 -71.57
CA LYS A 295 -22.95 69.10 -72.79
C LYS A 295 -21.57 69.64 -73.20
N SER B 1 9.92 39.15 -18.15
CA SER B 1 11.36 39.23 -18.49
C SER B 1 11.46 39.40 -20.01
N ASN B 2 10.76 38.55 -20.75
CA ASN B 2 10.78 38.69 -22.19
C ASN B 2 9.78 39.82 -22.47
N LEU B 3 9.99 40.55 -23.54
CA LEU B 3 9.08 41.61 -23.88
C LEU B 3 8.31 41.09 -25.07
N LYS B 4 6.99 41.25 -25.05
CA LYS B 4 6.18 40.76 -26.14
C LYS B 4 4.92 41.59 -26.40
N ILE B 5 4.72 41.94 -27.66
CA ILE B 5 3.53 42.67 -28.02
C ILE B 5 2.62 41.58 -28.56
N VAL B 6 1.58 41.26 -27.80
CA VAL B 6 0.70 40.19 -28.19
C VAL B 6 -0.52 40.66 -28.96
N ARG B 7 -0.70 41.97 -29.06
CA ARG B 7 -1.84 42.48 -29.80
C ARG B 7 -1.99 44.00 -29.84
N MET B 8 -2.48 44.50 -30.97
CA MET B 8 -2.71 45.92 -31.13
C MET B 8 -4.06 46.11 -31.83
N ASP B 9 -4.86 47.06 -31.34
CA ASP B 9 -6.17 47.28 -31.93
C ASP B 9 -6.00 47.76 -33.36
N ARG B 10 -4.91 48.45 -33.62
CA ARG B 10 -4.67 48.93 -34.96
C ARG B 10 -3.17 48.92 -35.23
N THR B 11 -2.76 48.68 -36.47
CA THR B 11 -1.34 48.67 -36.81
C THR B 11 -0.97 49.61 -37.95
N ALA B 12 -1.88 50.48 -38.32
CA ALA B 12 -1.63 51.46 -39.36
C ALA B 12 -2.04 52.76 -38.71
N GLY B 13 -1.58 53.89 -39.23
CA GLY B 13 -1.96 55.15 -38.63
C GLY B 13 -1.60 56.26 -39.58
N CYS B 14 -2.14 57.44 -39.36
CA CYS B 14 -1.85 58.58 -40.21
C CYS B 14 -0.49 59.13 -39.82
N VAL B 15 0.28 59.63 -40.79
CA VAL B 15 1.61 60.19 -40.52
C VAL B 15 1.54 61.37 -39.57
N THR B 16 0.41 62.03 -39.51
CA THR B 16 0.28 63.19 -38.64
C THR B 16 0.37 62.81 -37.18
N GLY B 17 0.31 61.52 -36.88
CA GLY B 17 0.41 61.09 -35.50
C GLY B 17 -0.74 61.56 -34.63
N GLY B 18 -0.65 61.24 -33.34
CA GLY B 18 -1.70 61.66 -32.42
C GLY B 18 -2.85 60.70 -32.24
N GLU B 19 -2.90 59.67 -33.07
CA GLU B 19 -3.94 58.66 -33.00
C GLU B 19 -3.73 57.72 -31.84
N GLU B 20 -4.82 57.37 -31.17
CA GLU B 20 -4.79 56.48 -30.02
C GLU B 20 -4.82 54.96 -30.32
N ILE B 21 -3.92 54.22 -29.68
CA ILE B 21 -3.84 52.78 -29.88
C ILE B 21 -3.85 51.93 -28.61
N TYR B 22 -4.57 50.81 -28.66
CA TYR B 22 -4.62 49.87 -27.52
C TYR B 22 -3.66 48.77 -27.83
N LEU B 23 -2.82 48.46 -26.86
CA LEU B 23 -1.84 47.42 -27.07
C LEU B 23 -1.87 46.47 -25.90
N LEU B 24 -1.85 45.17 -26.23
CA LEU B 24 -1.87 44.13 -25.21
C LEU B 24 -0.48 43.53 -25.21
N CYS B 25 0.06 43.28 -24.01
CA CYS B 25 1.42 42.73 -23.94
C CYS B 25 1.71 41.80 -22.77
N ASP B 26 2.89 41.20 -22.77
CA ASP B 26 3.30 40.38 -21.65
C ASP B 26 3.63 41.37 -20.54
N LYS B 27 3.82 40.84 -19.33
CA LYS B 27 4.07 41.68 -18.17
C LYS B 27 5.13 42.78 -18.37
N VAL B 28 4.79 43.99 -17.94
CA VAL B 28 5.67 45.17 -17.99
C VAL B 28 5.40 46.05 -16.75
N GLN B 29 6.31 46.97 -16.44
CA GLN B 29 6.16 47.86 -15.30
C GLN B 29 5.95 49.28 -15.84
N LYS B 30 4.87 49.93 -15.39
CA LYS B 30 4.51 51.26 -15.89
C LYS B 30 5.57 52.34 -15.96
N ASP B 31 6.62 52.21 -15.17
CA ASP B 31 7.66 53.24 -15.19
C ASP B 31 8.93 52.81 -15.88
N ASP B 32 8.95 51.58 -16.37
CA ASP B 32 10.13 51.02 -17.01
C ASP B 32 9.74 50.48 -18.37
N ILE B 33 8.94 51.22 -19.12
CA ILE B 33 8.53 50.73 -20.43
C ILE B 33 8.25 51.86 -21.40
N GLN B 34 8.55 51.62 -22.67
CA GLN B 34 8.30 52.61 -23.68
C GLN B 34 8.04 51.92 -25.01
N ILE B 35 7.30 52.62 -25.88
CA ILE B 35 6.96 52.07 -27.17
C ILE B 35 7.70 52.86 -28.23
N ARG B 36 8.69 52.22 -28.83
CA ARG B 36 9.55 52.82 -29.85
C ARG B 36 9.13 52.50 -31.26
N PHE B 37 8.89 53.53 -32.07
CA PHE B 37 8.54 53.38 -33.49
C PHE B 37 9.84 53.67 -34.26
N TYR B 38 10.24 52.81 -35.20
CA TYR B 38 11.48 53.06 -35.94
C TYR B 38 11.50 52.63 -37.39
N GLU B 39 12.41 53.26 -38.13
CA GLU B 39 12.54 52.98 -39.55
C GLU B 39 13.99 53.15 -40.00
N GLU B 40 14.51 52.09 -40.61
CA GLU B 40 15.86 52.04 -41.13
C GLU B 40 16.00 53.08 -42.25
N GLU B 41 17.09 53.84 -42.26
CA GLU B 41 17.30 54.84 -43.29
C GLU B 41 18.40 54.40 -44.28
N GLU B 42 18.52 55.13 -45.40
CA GLU B 42 19.52 54.82 -46.44
C GLU B 42 20.93 54.84 -45.91
N ASN B 43 21.25 55.90 -45.17
CA ASN B 43 22.57 56.10 -44.60
C ASN B 43 22.92 55.23 -43.40
N GLY B 44 22.04 54.32 -43.00
CA GLY B 44 22.36 53.46 -41.86
C GLY B 44 21.85 53.96 -40.51
N GLY B 45 21.44 55.22 -40.48
CA GLY B 45 20.90 55.78 -39.25
C GLY B 45 19.48 55.30 -39.16
N VAL B 46 18.74 55.75 -38.15
CA VAL B 46 17.37 55.29 -38.01
C VAL B 46 16.48 56.40 -37.50
N TRP B 47 15.29 56.51 -38.06
CA TRP B 47 14.33 57.51 -37.58
C TRP B 47 13.60 56.80 -36.45
N GLU B 48 13.33 57.50 -35.37
CA GLU B 48 12.62 56.84 -34.29
C GLU B 48 11.63 57.83 -33.70
N GLY B 49 10.51 57.29 -33.21
CA GLY B 49 9.49 58.10 -32.59
C GLY B 49 8.97 57.31 -31.42
N PHE B 50 8.46 57.97 -30.39
CA PHE B 50 7.94 57.20 -29.28
C PHE B 50 6.45 57.38 -29.08
N GLY B 51 5.81 56.30 -28.67
CA GLY B 51 4.37 56.35 -28.44
C GLY B 51 4.15 57.24 -27.24
N ASP B 52 3.16 58.12 -27.32
CA ASP B 52 2.93 58.99 -26.19
C ASP B 52 1.97 58.42 -25.17
N PHE B 53 2.39 58.40 -23.92
CA PHE B 53 1.52 57.92 -22.85
C PHE B 53 2.12 58.10 -21.48
N SER B 54 1.27 58.05 -20.46
CA SER B 54 1.70 58.17 -19.07
C SER B 54 1.65 56.83 -18.34
N PRO B 55 2.55 56.64 -17.38
CA PRO B 55 2.46 55.34 -16.70
C PRO B 55 1.05 54.97 -16.24
N THR B 56 0.12 55.91 -16.16
CA THR B 56 -1.22 55.52 -15.72
C THR B 56 -1.98 54.93 -16.90
N ASP B 57 -1.43 55.08 -18.10
CA ASP B 57 -2.05 54.52 -19.29
C ASP B 57 -1.63 53.05 -19.35
N VAL B 58 -0.74 52.63 -18.48
CA VAL B 58 -0.30 51.24 -18.48
C VAL B 58 -1.29 50.57 -17.60
N HIS B 59 -2.11 49.71 -18.20
CA HIS B 59 -3.20 49.02 -17.50
C HIS B 59 -2.89 47.67 -16.89
N ARG B 60 -2.93 47.64 -15.57
CA ARG B 60 -2.70 46.44 -14.78
C ARG B 60 -1.53 45.64 -15.32
N GLN B 61 -0.50 46.35 -15.76
CA GLN B 61 0.71 45.72 -16.26
C GLN B 61 0.59 44.90 -17.52
N PHE B 62 -0.57 44.85 -18.18
CA PHE B 62 -0.65 44.01 -19.36
C PHE B 62 -1.16 44.63 -20.66
N ALA B 63 -1.40 45.93 -20.62
CA ALA B 63 -1.84 46.64 -21.81
C ALA B 63 -1.43 48.11 -21.68
N ILE B 64 -1.26 48.77 -22.81
CA ILE B 64 -0.87 50.16 -22.76
C ILE B 64 -1.73 50.89 -23.75
N VAL B 65 -2.33 52.00 -23.34
CA VAL B 65 -3.14 52.81 -24.26
C VAL B 65 -2.25 54.00 -24.52
N PHE B 66 -1.99 54.34 -25.78
CA PHE B 66 -1.07 55.45 -26.04
C PHE B 66 -1.39 56.05 -27.40
N LYS B 67 -0.77 57.20 -27.73
CA LYS B 67 -0.98 57.83 -29.03
C LYS B 67 0.30 57.73 -29.88
N THR B 68 0.11 57.57 -31.17
CA THR B 68 1.20 57.43 -32.10
C THR B 68 2.00 58.72 -32.27
N PRO B 69 3.31 58.58 -32.55
CA PRO B 69 4.21 59.71 -32.75
C PRO B 69 4.03 60.13 -34.20
N LYS B 70 4.43 61.35 -34.52
CA LYS B 70 4.31 61.85 -35.89
C LYS B 70 5.43 61.23 -36.71
N TYR B 71 5.12 60.81 -37.93
CA TYR B 71 6.14 60.21 -38.79
C TYR B 71 7.17 61.27 -39.21
N LYS B 72 8.34 60.86 -39.68
CA LYS B 72 9.37 61.84 -40.06
C LYS B 72 8.99 62.72 -41.24
N ASP B 73 8.06 62.26 -42.05
CA ASP B 73 7.64 63.01 -43.22
C ASP B 73 6.15 62.98 -43.44
N ILE B 74 5.44 64.00 -42.95
CA ILE B 74 3.99 64.03 -43.10
C ILE B 74 3.53 64.40 -44.49
N ASN B 75 4.38 64.23 -45.49
CA ASN B 75 4.00 64.56 -46.86
C ASN B 75 3.95 63.35 -47.79
N ILE B 76 4.63 62.27 -47.43
CA ILE B 76 4.62 61.08 -48.27
C ILE B 76 3.26 60.91 -48.97
N THR B 77 3.26 60.33 -50.16
CA THR B 77 2.02 60.13 -50.91
C THR B 77 1.68 58.66 -50.99
N LYS B 78 2.65 57.82 -50.63
CA LYS B 78 2.47 56.37 -50.58
C LYS B 78 2.74 55.96 -49.13
N PRO B 79 2.08 54.91 -48.65
CA PRO B 79 2.30 54.49 -47.26
C PRO B 79 3.76 54.17 -47.03
N ALA B 80 4.21 54.36 -45.80
CA ALA B 80 5.60 54.07 -45.40
C ALA B 80 5.56 53.04 -44.28
N SER B 81 6.16 51.88 -44.47
CA SER B 81 6.14 50.85 -43.44
C SER B 81 7.31 51.03 -42.47
N VAL B 82 7.04 50.84 -41.18
CA VAL B 82 8.06 51.00 -40.13
C VAL B 82 7.90 49.89 -39.09
N PHE B 83 8.63 49.97 -38.00
CA PHE B 83 8.54 48.96 -36.95
C PHE B 83 8.15 49.57 -35.60
N VAL B 84 7.50 48.76 -34.76
CA VAL B 84 7.08 49.21 -33.45
C VAL B 84 7.51 48.14 -32.48
N GLN B 85 7.98 48.52 -31.31
CA GLN B 85 8.42 47.55 -30.34
C GLN B 85 8.40 48.05 -28.92
N LEU B 86 8.20 47.14 -27.97
CA LEU B 86 8.26 47.52 -26.58
C LEU B 86 9.73 47.61 -26.24
N ARG B 87 10.08 48.56 -25.39
CA ARG B 87 11.46 48.68 -24.95
C ARG B 87 11.55 49.04 -23.46
N ARG B 88 12.26 48.21 -22.71
CA ARG B 88 12.41 48.43 -21.30
C ARG B 88 13.52 49.48 -21.11
N LYS B 89 13.32 50.40 -20.17
CA LYS B 89 14.28 51.47 -19.93
C LYS B 89 15.52 51.07 -19.16
N SER B 90 15.35 50.24 -18.14
CA SER B 90 16.44 49.80 -17.29
C SER B 90 17.57 49.01 -17.93
N ASP B 91 17.29 48.36 -19.07
CA ASP B 91 18.31 47.60 -19.79
C ASP B 91 18.22 47.77 -21.29
N LEU B 92 17.29 48.61 -21.74
CA LEU B 92 17.14 48.85 -23.18
C LEU B 92 16.85 47.57 -23.96
N GLU B 93 16.33 46.56 -23.30
CA GLU B 93 16.00 45.36 -24.02
C GLU B 93 14.72 45.66 -24.81
N THR B 94 14.47 44.94 -25.87
CA THR B 94 13.26 45.20 -26.64
C THR B 94 12.49 43.95 -27.07
N SER B 95 11.23 44.16 -27.45
CA SER B 95 10.39 43.05 -27.91
C SER B 95 10.75 42.83 -29.38
N GLU B 96 10.19 41.79 -29.98
CA GLU B 96 10.44 41.56 -31.39
C GLU B 96 9.71 42.65 -32.14
N PRO B 97 10.30 43.14 -33.24
CA PRO B 97 9.64 44.19 -34.02
C PRO B 97 8.26 43.75 -34.52
N LYS B 98 7.31 44.67 -34.57
CA LYS B 98 5.99 44.36 -35.10
C LYS B 98 5.99 45.34 -36.29
N PRO B 99 5.25 45.04 -37.35
CA PRO B 99 5.30 46.01 -38.46
C PRO B 99 4.14 46.98 -38.38
N PHE B 100 4.43 48.26 -38.57
CA PHE B 100 3.42 49.33 -38.50
C PHE B 100 3.38 50.11 -39.80
N LEU B 101 2.18 50.44 -40.28
CA LEU B 101 2.06 51.15 -41.55
C LEU B 101 1.55 52.60 -41.39
N TYR B 102 2.36 53.55 -41.83
CA TYR B 102 1.98 54.98 -41.77
C TYR B 102 1.43 55.38 -43.16
N TYR B 103 0.18 55.81 -43.23
CA TYR B 103 -0.36 56.23 -44.52
C TYR B 103 -0.41 57.74 -44.58
N PRO B 104 -0.46 58.29 -45.79
CA PRO B 104 -0.48 59.74 -46.01
C PRO B 104 -1.66 60.39 -45.39
N GLU B 105 -1.49 61.65 -45.04
CA GLU B 105 -2.59 62.44 -44.51
C GLU B 105 -3.36 62.83 -45.76
N ILE B 106 -4.67 62.62 -45.75
CA ILE B 106 -5.43 62.95 -46.95
C ILE B 106 -6.05 64.35 -46.86
N LYS B 107 -5.21 65.36 -47.13
CA LYS B 107 -5.63 66.75 -47.11
C LYS B 107 -5.41 67.39 -48.49
N TYR C 1 2.28 -49.50 60.69
CA TYR C 1 3.22 -50.30 59.90
C TYR C 1 4.47 -49.54 59.42
N VAL C 2 5.42 -50.29 58.85
CA VAL C 2 6.67 -49.72 58.34
C VAL C 2 6.83 -49.90 56.83
N GLU C 3 7.36 -48.87 56.17
CA GLU C 3 7.60 -48.89 54.73
C GLU C 3 9.10 -48.73 54.48
N ILE C 4 9.48 -48.63 53.21
CA ILE C 4 10.88 -48.45 52.84
C ILE C 4 10.99 -47.20 51.97
N ILE C 5 11.85 -46.27 52.37
CA ILE C 5 12.06 -45.02 51.65
C ILE C 5 13.25 -45.08 50.69
N GLU C 6 14.43 -45.35 51.24
CA GLU C 6 15.64 -45.46 50.43
C GLU C 6 16.06 -46.92 50.24
N GLN C 7 15.40 -47.61 49.32
CA GLN C 7 15.73 -49.01 49.02
C GLN C 7 17.25 -49.20 48.88
N PRO C 8 17.74 -50.43 49.05
CA PRO C 8 19.17 -50.66 48.90
C PRO C 8 19.51 -50.72 47.41
N LYS C 9 20.68 -50.22 47.02
CA LYS C 9 21.09 -50.23 45.61
C LYS C 9 21.10 -51.70 45.16
N GLN C 10 20.06 -52.12 44.45
CA GLN C 10 19.94 -53.51 44.01
C GLN C 10 20.82 -53.95 42.85
N ARG C 11 21.74 -53.08 42.41
CA ARG C 11 22.61 -53.39 41.28
C ARG C 11 24.02 -52.86 41.59
N GLY C 12 25.04 -53.69 41.39
CA GLY C 12 26.41 -53.24 41.62
C GLY C 12 26.96 -53.35 43.03
N MET C 13 26.71 -54.49 43.68
CA MET C 13 27.19 -54.73 45.05
C MET C 13 28.01 -56.02 45.09
N ARG C 14 29.25 -55.91 45.55
CA ARG C 14 30.16 -57.06 45.65
C ARG C 14 30.02 -57.76 47.00
N PHE C 15 29.39 -58.93 47.02
CA PHE C 15 29.24 -59.66 48.27
C PHE C 15 30.62 -60.00 48.86
N ARG C 16 31.00 -59.27 49.90
CA ARG C 16 32.28 -59.44 50.59
C ARG C 16 32.44 -60.85 51.20
N TYR C 17 33.65 -61.38 51.21
CA TYR C 17 33.91 -62.70 51.77
C TYR C 17 34.49 -62.68 53.20
N LYS C 18 34.98 -63.84 53.63
CA LYS C 18 35.56 -64.00 54.97
C LYS C 18 36.60 -62.94 55.27
N CYS C 19 37.31 -62.51 54.23
CA CYS C 19 38.36 -61.51 54.37
C CYS C 19 38.49 -60.69 53.09
N GLU C 20 37.77 -59.57 53.02
CA GLU C 20 37.81 -58.72 51.85
C GLU C 20 38.37 -57.34 52.24
N GLY C 21 39.57 -57.35 52.80
CA GLY C 21 40.21 -56.11 53.22
C GLY C 21 39.76 -55.71 54.61
N ARG C 22 39.67 -56.70 55.50
CA ARG C 22 39.23 -56.47 56.88
C ARG C 22 37.75 -56.10 56.91
N SER C 23 37.40 -55.06 56.15
CA SER C 23 36.04 -54.56 56.05
C SER C 23 35.63 -54.35 54.60
N ALA C 24 34.97 -53.22 54.35
CA ALA C 24 34.51 -52.87 53.00
C ALA C 24 33.84 -51.50 53.03
N GLY C 25 32.53 -51.49 52.79
CA GLY C 25 31.78 -50.25 52.79
C GLY C 25 30.38 -50.43 53.36
N SER C 26 29.46 -49.57 52.94
CA SER C 26 28.08 -49.62 53.42
C SER C 26 27.13 -49.84 52.23
N ILE C 27 26.12 -50.69 52.39
CA ILE C 27 25.17 -50.93 51.31
C ILE C 27 24.44 -49.61 51.06
N PRO C 28 24.63 -49.01 49.87
CA PRO C 28 24.04 -47.74 49.41
C PRO C 28 22.53 -47.74 49.19
N GLY C 29 21.95 -46.54 49.17
CA GLY C 29 20.53 -46.41 48.94
C GLY C 29 20.20 -46.63 47.47
N GLU C 30 18.91 -46.64 47.15
CA GLU C 30 18.48 -46.86 45.77
C GLU C 30 18.80 -45.63 44.93
N ARG C 31 19.35 -44.61 45.58
CA ARG C 31 19.70 -43.38 44.90
C ARG C 31 20.95 -42.79 45.53
N SER C 32 21.86 -43.67 45.95
CA SER C 32 23.10 -43.26 46.57
C SER C 32 24.14 -42.84 45.54
N THR C 33 24.13 -41.56 45.18
CA THR C 33 25.07 -41.03 44.21
C THR C 33 26.49 -41.12 44.74
N ASP C 34 27.46 -41.07 43.83
CA ASP C 34 28.86 -41.12 44.22
C ASP C 34 29.21 -39.78 44.87
N THR C 35 28.28 -38.83 44.73
CA THR C 35 28.44 -37.49 45.30
C THR C 35 27.92 -37.42 46.74
N THR C 36 26.61 -37.56 46.90
CA THR C 36 25.97 -37.54 48.22
C THR C 36 25.53 -38.94 48.61
N LYS C 37 26.49 -39.77 49.02
CA LYS C 37 26.21 -41.16 49.41
C LYS C 37 25.17 -41.32 50.52
N THR C 38 24.01 -41.86 50.18
CA THR C 38 22.94 -42.11 51.14
C THR C 38 22.93 -43.60 51.47
N HIS C 39 22.04 -44.02 52.37
CA HIS C 39 21.95 -45.43 52.73
C HIS C 39 20.49 -45.84 52.86
N PRO C 40 20.23 -47.14 53.08
CA PRO C 40 18.84 -47.60 53.21
C PRO C 40 18.12 -46.83 54.33
N THR C 41 16.84 -46.56 54.15
CA THR C 41 16.06 -45.83 55.15
C THR C 41 14.59 -46.23 55.17
N ILE C 42 14.09 -46.59 56.35
CA ILE C 42 12.69 -46.96 56.49
C ILE C 42 11.99 -45.83 57.23
N LYS C 43 10.67 -45.94 57.34
CA LYS C 43 9.89 -44.93 58.04
C LYS C 43 8.79 -45.65 58.82
N ILE C 44 8.87 -45.56 60.14
CA ILE C 44 7.86 -46.19 61.00
C ILE C 44 6.62 -45.30 60.92
N ASN C 45 5.62 -45.77 60.18
CA ASN C 45 4.38 -45.04 59.96
C ASN C 45 3.37 -45.18 61.10
N GLY C 46 3.09 -44.05 61.76
CA GLY C 46 2.13 -44.05 62.85
C GLY C 46 2.67 -44.30 64.24
N TYR C 47 3.95 -43.98 64.46
CA TYR C 47 4.59 -44.18 65.75
C TYR C 47 5.96 -43.51 65.78
N THR C 48 6.14 -42.58 66.72
CA THR C 48 7.42 -41.87 66.84
C THR C 48 8.07 -42.02 68.22
N GLY C 49 8.01 -43.23 68.79
CA GLY C 49 8.59 -43.47 70.10
C GLY C 49 9.62 -44.60 70.15
N PRO C 50 9.87 -45.19 71.34
CA PRO C 50 10.83 -46.29 71.58
C PRO C 50 10.46 -47.61 70.89
N GLY C 51 11.43 -48.20 70.20
CA GLY C 51 11.19 -49.46 69.51
C GLY C 51 12.46 -50.21 69.14
N THR C 52 12.32 -51.27 68.35
CA THR C 52 13.45 -52.09 67.94
C THR C 52 13.33 -52.55 66.47
N VAL C 53 14.44 -52.53 65.74
CA VAL C 53 14.47 -52.94 64.33
C VAL C 53 15.40 -54.13 64.07
N ARG C 54 14.87 -55.12 63.36
CA ARG C 54 15.62 -56.33 63.01
C ARG C 54 15.93 -56.43 61.51
N ILE C 55 17.20 -56.23 61.14
CA ILE C 55 17.62 -56.33 59.74
C ILE C 55 18.12 -57.76 59.48
N SER C 56 17.31 -58.54 58.79
CA SER C 56 17.65 -59.93 58.49
C SER C 56 17.73 -60.17 56.98
N LEU C 57 18.42 -61.23 56.58
CA LEU C 57 18.55 -61.56 55.16
C LEU C 57 17.69 -62.76 54.80
N VAL C 58 16.65 -62.51 54.02
CA VAL C 58 15.74 -63.56 53.58
C VAL C 58 16.01 -63.86 52.10
N THR C 59 15.30 -64.83 51.53
CA THR C 59 15.51 -65.18 50.13
C THR C 59 14.61 -64.41 49.17
N LYS C 60 15.20 -64.03 48.04
CA LYS C 60 14.53 -63.29 46.98
C LYS C 60 13.16 -63.82 46.60
N ASP C 61 13.16 -64.92 45.85
CA ASP C 61 11.94 -65.56 45.35
C ASP C 61 10.96 -65.98 46.47
N PRO C 62 9.71 -66.33 46.09
CA PRO C 62 8.60 -66.74 46.97
C PRO C 62 8.80 -67.59 48.23
N PRO C 63 9.78 -68.52 48.23
CA PRO C 63 9.97 -69.33 49.44
C PRO C 63 10.25 -68.49 50.70
N HIS C 64 11.00 -67.40 50.53
CA HIS C 64 11.37 -66.48 51.62
C HIS C 64 11.78 -67.12 52.94
N ARG C 65 13.03 -67.57 53.01
CA ARG C 65 13.55 -68.17 54.24
C ARG C 65 14.83 -67.45 54.64
N PRO C 66 15.33 -67.68 55.87
CA PRO C 66 16.56 -67.02 56.30
C PRO C 66 17.70 -67.45 55.37
N HIS C 67 18.21 -66.50 54.60
CA HIS C 67 19.27 -66.74 53.64
C HIS C 67 20.63 -67.08 54.28
N PRO C 68 21.38 -68.04 53.67
CA PRO C 68 22.67 -68.45 54.17
C PRO C 68 23.63 -67.30 54.46
N HIS C 69 23.64 -66.27 53.61
CA HIS C 69 24.52 -65.13 53.83
C HIS C 69 24.27 -64.46 55.17
N GLU C 70 25.30 -63.76 55.64
CA GLU C 70 25.27 -63.12 56.96
C GLU C 70 25.54 -61.61 56.96
N LEU C 71 24.54 -60.84 57.41
CA LEU C 71 24.69 -59.39 57.50
C LEU C 71 25.63 -59.04 58.64
N VAL C 72 26.81 -58.53 58.28
CA VAL C 72 27.80 -58.14 59.25
C VAL C 72 27.82 -56.63 59.41
N GLY C 73 28.56 -56.12 60.39
CA GLY C 73 28.63 -54.68 60.60
C GLY C 73 28.34 -54.24 62.02
N LYS C 74 28.14 -52.93 62.20
CA LYS C 74 27.85 -52.35 63.51
C LYS C 74 26.47 -52.77 64.01
N ASP C 75 26.40 -53.22 65.26
CA ASP C 75 25.15 -53.66 65.89
C ASP C 75 24.57 -54.87 65.18
N CYS C 76 25.44 -55.77 64.71
CA CYS C 76 24.98 -56.97 64.01
C CYS C 76 25.50 -58.25 64.68
N ARG C 77 24.64 -59.26 64.75
CA ARG C 77 25.02 -60.53 65.36
C ARG C 77 24.96 -61.70 64.38
N ASP C 78 24.34 -62.79 64.82
CA ASP C 78 24.19 -64.02 64.04
C ASP C 78 23.53 -63.83 62.67
N GLY C 79 24.15 -63.01 61.83
CA GLY C 79 23.62 -62.75 60.50
C GLY C 79 22.53 -61.70 60.42
N PHE C 80 22.45 -60.84 61.43
CA PHE C 80 21.43 -59.80 61.43
C PHE C 80 21.82 -58.57 62.23
N TYR C 81 21.14 -57.47 61.94
CA TYR C 81 21.34 -56.20 62.62
C TYR C 81 20.23 -55.99 63.64
N GLU C 82 20.62 -55.67 64.87
CA GLU C 82 19.68 -55.46 65.98
C GLU C 82 19.98 -54.13 66.67
N ALA C 83 19.08 -53.16 66.52
CA ALA C 83 19.24 -51.85 67.14
C ALA C 83 17.86 -51.31 67.50
N GLU C 84 17.82 -50.28 68.35
CA GLU C 84 16.56 -49.69 68.77
C GLU C 84 16.20 -48.38 68.10
N LEU C 85 14.93 -48.25 67.75
CA LEU C 85 14.41 -47.05 67.11
C LEU C 85 14.51 -45.88 68.10
N CYS C 86 15.40 -44.93 67.83
CA CYS C 86 15.58 -43.77 68.69
C CYS C 86 14.27 -42.97 68.78
N PRO C 87 13.71 -42.84 70.00
CA PRO C 87 12.46 -42.14 70.33
C PRO C 87 12.35 -40.67 69.92
N ASP C 88 12.29 -40.43 68.61
CA ASP C 88 12.16 -39.07 68.09
C ASP C 88 11.52 -39.11 66.70
N ARG C 89 12.34 -39.52 65.74
CA ARG C 89 11.97 -39.59 64.33
C ARG C 89 11.47 -40.96 63.87
N CYS C 90 11.27 -41.04 62.56
CA CYS C 90 10.82 -42.25 61.88
C CYS C 90 11.54 -42.27 60.55
N ILE C 91 12.67 -41.58 60.51
CA ILE C 91 13.49 -41.50 59.31
C ILE C 91 14.83 -42.13 59.67
N HIS C 92 14.75 -43.38 60.13
CA HIS C 92 15.92 -44.15 60.55
C HIS C 92 16.80 -44.50 59.34
N SER C 93 18.06 -44.08 59.40
CA SER C 93 19.01 -44.33 58.32
C SER C 93 20.09 -45.34 58.72
N PHE C 94 19.91 -46.60 58.31
CA PHE C 94 20.87 -47.65 58.63
C PHE C 94 22.14 -47.44 57.84
N GLN C 95 23.05 -46.67 58.43
CA GLN C 95 24.33 -46.33 57.82
C GLN C 95 25.07 -47.57 57.29
N ASN C 96 26.29 -47.76 57.78
CA ASN C 96 27.13 -48.88 57.37
C ASN C 96 26.42 -50.22 57.56
N LEU C 97 26.51 -51.05 56.52
CA LEU C 97 25.88 -52.37 56.51
C LEU C 97 26.77 -53.20 55.58
N GLY C 98 26.96 -54.49 55.88
CA GLY C 98 27.80 -55.31 55.04
C GLY C 98 27.25 -56.70 54.74
N ILE C 99 27.81 -57.34 53.72
CA ILE C 99 27.36 -58.67 53.32
C ILE C 99 28.49 -59.68 53.11
N GLN C 100 28.48 -60.75 53.90
CA GLN C 100 29.48 -61.82 53.76
C GLN C 100 28.84 -63.01 53.08
N CYS C 101 29.66 -63.90 52.53
CA CYS C 101 29.15 -65.06 51.82
C CYS C 101 29.33 -66.39 52.55
N VAL C 102 28.49 -67.35 52.18
CA VAL C 102 28.53 -68.69 52.77
C VAL C 102 28.88 -69.69 51.67
N LYS C 103 30.18 -69.97 51.53
CA LYS C 103 30.69 -70.90 50.52
C LYS C 103 29.75 -72.07 50.21
N LYS C 104 29.84 -72.57 48.98
CA LYS C 104 29.04 -73.67 48.47
C LYS C 104 28.95 -74.91 49.38
N ARG C 105 29.81 -74.99 50.39
CA ARG C 105 29.82 -76.14 51.31
C ARG C 105 29.46 -75.85 52.77
N ASP C 106 29.08 -74.61 53.07
CA ASP C 106 28.72 -74.23 54.44
C ASP C 106 27.25 -73.83 54.52
N LEU C 107 26.42 -74.39 53.65
CA LEU C 107 24.99 -74.09 53.65
C LEU C 107 24.33 -74.66 54.91
N GLU C 108 24.36 -75.97 55.05
CA GLU C 108 23.75 -76.64 56.20
C GLU C 108 24.32 -76.15 57.54
N GLN C 109 25.50 -75.54 57.49
CA GLN C 109 26.13 -75.02 58.70
C GLN C 109 25.58 -73.62 58.94
N ALA C 110 25.42 -72.86 57.86
CA ALA C 110 24.88 -71.51 57.95
C ALA C 110 23.40 -71.57 58.28
N ILE C 111 22.71 -72.57 57.75
CA ILE C 111 21.28 -72.75 58.00
C ILE C 111 21.02 -73.24 59.42
N SER C 112 22.06 -73.78 60.06
CA SER C 112 21.92 -74.25 61.44
C SER C 112 21.99 -73.02 62.36
N GLN C 113 23.03 -72.20 62.19
CA GLN C 113 23.20 -71.00 63.00
C GLN C 113 22.15 -69.96 62.60
N ARG C 114 21.25 -70.38 61.71
CA ARG C 114 20.18 -69.53 61.21
C ARG C 114 18.87 -69.88 61.90
N ILE C 115 18.82 -71.08 62.49
CA ILE C 115 17.63 -71.54 63.19
C ILE C 115 17.85 -71.64 64.70
N GLN C 116 19.12 -71.71 65.11
CA GLN C 116 19.44 -71.76 66.53
C GLN C 116 19.09 -70.40 67.12
N THR C 117 19.36 -69.36 66.34
CA THR C 117 19.06 -67.99 66.73
C THR C 117 17.75 -67.65 66.03
N ASN C 118 17.30 -68.59 65.19
CA ASN C 118 16.07 -68.49 64.39
C ASN C 118 15.69 -67.09 63.93
N ASN C 119 16.04 -66.77 62.69
CA ASN C 119 15.75 -65.47 62.10
C ASN C 119 14.36 -65.41 61.48
N ASN C 120 13.88 -66.57 60.99
CA ASN C 120 12.57 -66.69 60.35
C ASN C 120 11.64 -65.49 60.50
N PRO C 121 11.77 -64.49 59.60
CA PRO C 121 10.97 -63.26 59.57
C PRO C 121 9.49 -63.51 59.23
N PHE C 122 9.24 -64.57 58.49
CA PHE C 122 7.88 -64.94 58.10
C PHE C 122 7.46 -66.19 58.86
N GLN C 123 8.44 -66.81 59.53
CA GLN C 123 8.22 -68.01 60.32
C GLN C 123 7.86 -69.24 59.49
N VAL C 124 8.13 -69.17 58.18
CA VAL C 124 7.83 -70.28 57.28
C VAL C 124 8.39 -71.55 57.93
N PRO C 125 7.77 -72.71 57.63
CA PRO C 125 8.21 -73.98 58.20
C PRO C 125 9.73 -74.14 58.24
N ILE C 126 10.27 -74.09 59.45
CA ILE C 126 11.71 -74.21 59.68
C ILE C 126 12.23 -75.55 59.18
N GLU C 127 11.31 -76.44 58.79
CA GLU C 127 11.68 -77.77 58.29
C GLU C 127 11.63 -77.87 56.77
N GLU C 128 11.76 -76.72 56.09
CA GLU C 128 11.76 -76.64 54.63
C GLU C 128 13.07 -76.01 54.13
N GLN C 129 14.03 -75.91 55.05
CA GLN C 129 15.36 -75.35 54.75
C GLN C 129 16.27 -76.43 54.18
N ARG C 130 15.69 -77.59 53.89
CA ARG C 130 16.44 -78.71 53.31
C ARG C 130 16.66 -78.44 51.82
N GLY C 131 16.16 -77.29 51.35
CA GLY C 131 16.32 -76.92 49.96
C GLY C 131 17.61 -76.18 49.70
N ASP C 132 17.88 -75.85 48.44
CA ASP C 132 19.10 -75.14 48.06
C ASP C 132 18.79 -73.63 48.00
N TYR C 133 19.83 -72.80 48.00
CA TYR C 133 19.63 -71.36 47.97
C TYR C 133 20.34 -70.64 46.83
N ASP C 134 19.87 -69.43 46.50
CA ASP C 134 20.46 -68.62 45.45
C ASP C 134 21.40 -67.63 46.13
N LEU C 135 22.65 -68.04 46.33
CA LEU C 135 23.67 -67.22 47.00
C LEU C 135 24.01 -65.90 46.31
N ASN C 136 23.36 -65.59 45.19
CA ASN C 136 23.61 -64.34 44.47
C ASN C 136 22.46 -63.32 44.57
N ALA C 137 21.40 -63.70 45.29
CA ALA C 137 20.23 -62.83 45.47
C ALA C 137 19.73 -62.85 46.92
N VAL C 138 19.60 -61.66 47.51
CA VAL C 138 19.14 -61.55 48.89
C VAL C 138 18.31 -60.29 49.09
N ARG C 139 17.28 -60.39 49.93
CA ARG C 139 16.43 -59.25 50.24
C ARG C 139 16.64 -58.91 51.71
N LEU C 140 16.42 -57.66 52.09
CA LEU C 140 16.59 -57.24 53.48
C LEU C 140 15.25 -57.23 54.20
N CYS C 141 15.09 -58.07 55.22
CA CYS C 141 13.82 -58.07 55.94
C CYS C 141 13.88 -57.07 57.09
N PHE C 142 12.85 -56.24 57.20
CA PHE C 142 12.75 -55.22 58.23
C PHE C 142 11.67 -55.59 59.26
N GLN C 143 12.12 -55.82 60.50
CA GLN C 143 11.24 -56.19 61.61
C GLN C 143 11.32 -55.16 62.73
N VAL C 144 10.28 -54.34 62.86
CA VAL C 144 10.24 -53.32 63.91
C VAL C 144 9.21 -53.64 64.98
N THR C 145 9.57 -53.34 66.22
CA THR C 145 8.69 -53.58 67.36
C THR C 145 8.42 -52.25 68.05
N VAL C 146 7.14 -51.89 68.12
CA VAL C 146 6.74 -50.64 68.76
C VAL C 146 5.77 -50.90 69.92
N ARG C 147 5.41 -49.85 70.64
CA ARG C 147 4.47 -49.94 71.75
C ARG C 147 3.04 -49.78 71.21
N ASP C 148 2.11 -50.58 71.73
CA ASP C 148 0.71 -50.51 71.30
C ASP C 148 -0.01 -49.45 72.16
N PRO C 149 -1.36 -49.37 72.08
CA PRO C 149 -2.06 -48.37 72.90
C PRO C 149 -1.65 -48.41 74.39
N SER C 150 -1.68 -49.60 74.99
CA SER C 150 -1.31 -49.77 76.39
C SER C 150 0.12 -49.23 76.59
N GLY C 151 1.07 -49.98 76.04
CA GLY C 151 2.49 -49.63 76.15
C GLY C 151 3.32 -50.88 75.96
N ARG C 152 2.63 -51.96 75.59
CA ARG C 152 3.25 -53.25 75.36
C ARG C 152 3.88 -53.30 73.98
N PRO C 153 4.69 -54.35 73.70
CA PRO C 153 5.35 -54.49 72.38
C PRO C 153 4.31 -54.76 71.29
N LEU C 154 4.54 -54.20 70.10
CA LEU C 154 3.61 -54.40 68.98
C LEU C 154 4.25 -55.05 67.75
N ARG C 155 3.58 -56.09 67.26
CA ARG C 155 4.03 -56.88 66.10
C ARG C 155 4.72 -56.16 64.94
N LEU C 156 3.92 -55.63 64.00
CA LEU C 156 4.44 -54.95 62.81
C LEU C 156 5.00 -55.97 61.83
N PRO C 157 4.14 -56.48 60.94
CA PRO C 157 4.52 -57.48 59.93
C PRO C 157 5.75 -57.06 59.10
N PRO C 158 6.61 -58.03 58.76
CA PRO C 158 7.83 -57.83 57.97
C PRO C 158 7.61 -57.15 56.62
N VAL C 159 8.69 -56.56 56.11
CA VAL C 159 8.64 -55.86 54.83
C VAL C 159 9.95 -56.08 54.08
N LEU C 160 9.85 -56.62 52.87
CA LEU C 160 11.04 -56.90 52.05
C LEU C 160 11.30 -55.78 51.02
N PRO C 161 12.58 -55.46 50.77
CA PRO C 161 13.02 -54.44 49.83
C PRO C 161 13.40 -55.10 48.52
N HIS C 162 13.74 -54.28 47.53
CA HIS C 162 14.16 -54.77 46.23
C HIS C 162 15.36 -55.67 46.48
N PRO C 163 15.40 -56.85 45.83
CA PRO C 163 16.52 -57.78 46.02
C PRO C 163 17.86 -57.15 45.63
N ILE C 164 18.91 -57.50 46.37
CA ILE C 164 20.23 -56.97 46.07
C ILE C 164 21.04 -58.11 45.44
N PHE C 165 21.57 -57.86 44.24
CA PHE C 165 22.34 -58.88 43.57
C PHE C 165 23.84 -58.67 43.69
N ASP C 166 24.58 -59.76 43.49
CA ASP C 166 26.03 -59.77 43.58
C ASP C 166 26.68 -59.44 42.23
N ASN C 167 27.82 -58.76 42.27
CA ASN C 167 28.56 -58.40 41.06
C ASN C 167 29.44 -59.54 40.58
N ARG C 168 28.90 -60.75 40.61
CA ARG C 168 29.62 -61.93 40.17
C ARG C 168 28.83 -62.50 39.01
N ALA C 169 27.77 -63.24 39.32
CA ALA C 169 26.94 -63.82 38.28
C ALA C 169 26.44 -62.71 37.34
N PRO C 170 26.49 -62.96 36.03
CA PRO C 170 26.05 -62.02 35.01
C PRO C 170 24.58 -61.65 35.20
N ASN C 171 24.11 -60.68 34.41
CA ASN C 171 22.74 -60.22 34.46
C ASN C 171 21.98 -60.84 33.26
N THR C 172 21.04 -61.72 33.54
CA THR C 172 20.25 -62.33 32.48
C THR C 172 19.46 -61.34 31.62
N ALA C 173 18.98 -60.27 32.26
CA ALA C 173 18.17 -59.27 31.57
C ALA C 173 18.70 -58.89 30.20
N GLU C 174 17.85 -59.16 29.22
CA GLU C 174 18.16 -58.86 27.86
C GLU C 174 17.98 -57.35 27.52
N LEU C 175 18.96 -56.75 26.85
CA LEU C 175 18.89 -55.34 26.46
C LEU C 175 18.43 -55.27 25.02
N LYS C 176 17.24 -54.79 24.78
CA LYS C 176 16.80 -54.73 23.42
C LYS C 176 15.89 -53.57 23.04
N ILE C 177 16.27 -52.88 21.98
CA ILE C 177 15.45 -51.81 21.49
C ILE C 177 14.51 -52.48 20.51
N CYS C 178 13.20 -52.37 20.73
CA CYS C 178 12.27 -53.00 19.79
C CYS C 178 11.77 -52.03 18.72
N ARG C 179 11.49 -50.79 19.11
CA ARG C 179 10.99 -49.81 18.15
C ARG C 179 11.34 -48.44 18.64
N VAL C 180 11.46 -47.53 17.70
CA VAL C 180 11.78 -46.17 17.96
C VAL C 180 10.82 -45.40 17.06
N ASN C 181 10.22 -44.33 17.58
CA ASN C 181 9.26 -43.55 16.78
C ASN C 181 9.92 -42.55 15.80
N ARG C 182 11.24 -42.44 15.86
CA ARG C 182 11.93 -41.56 14.95
C ARG C 182 13.42 -41.89 14.95
N ASN C 183 14.01 -41.91 13.76
CA ASN C 183 15.43 -42.26 13.62
C ASN C 183 16.29 -41.19 13.00
N SER C 184 15.79 -39.95 12.98
CA SER C 184 16.56 -38.86 12.42
C SER C 184 16.14 -37.58 13.11
N GLY C 185 17.04 -36.62 13.24
CA GLY C 185 16.69 -35.38 13.90
C GLY C 185 17.80 -34.39 13.71
N SER C 186 17.59 -33.16 14.15
CA SER C 186 18.59 -32.10 14.05
C SER C 186 19.89 -32.39 14.77
N CYS C 187 21.00 -32.00 14.16
CA CYS C 187 22.30 -32.20 14.80
C CYS C 187 22.38 -31.29 16.02
N LEU C 188 21.36 -30.46 16.21
CA LEU C 188 21.34 -29.56 17.34
C LEU C 188 20.83 -30.24 18.61
N GLY C 189 20.23 -31.42 18.44
CA GLY C 189 19.70 -32.17 19.57
C GLY C 189 18.34 -31.69 20.05
N GLY C 190 17.84 -32.30 21.12
CA GLY C 190 16.56 -31.90 21.65
C GLY C 190 15.33 -32.61 21.11
N ASP C 191 15.42 -33.41 20.06
CA ASP C 191 14.24 -34.10 19.57
C ASP C 191 13.80 -35.16 20.57
N GLU C 192 12.48 -35.30 20.73
CA GLU C 192 11.91 -36.25 21.67
C GLU C 192 11.74 -37.60 20.99
N ILE C 193 12.15 -38.67 21.66
CA ILE C 193 12.01 -39.97 21.08
C ILE C 193 11.34 -40.98 22.00
N PHE C 194 10.44 -41.76 21.43
CA PHE C 194 9.76 -42.81 22.15
C PHE C 194 10.49 -44.07 21.72
N LEU C 195 11.03 -44.81 22.68
CA LEU C 195 11.74 -46.04 22.39
C LEU C 195 11.07 -47.12 23.21
N LEU C 196 10.68 -48.21 22.55
CA LEU C 196 10.04 -49.34 23.20
C LEU C 196 11.10 -50.43 23.40
N CYS C 197 11.13 -51.02 24.60
CA CYS C 197 12.16 -52.00 24.89
C CYS C 197 11.69 -53.14 25.78
N ASP C 198 12.59 -54.06 26.07
CA ASP C 198 12.28 -55.14 26.97
C ASP C 198 12.60 -54.58 28.32
N LYS C 199 12.16 -55.24 29.37
CA LYS C 199 12.38 -54.74 30.71
C LYS C 199 13.77 -54.19 31.02
N VAL C 200 13.79 -52.99 31.61
CA VAL C 200 15.02 -52.30 32.03
C VAL C 200 14.73 -51.67 33.40
N GLN C 201 15.76 -51.34 34.15
CA GLN C 201 15.58 -50.70 35.44
C GLN C 201 15.73 -49.21 35.23
N LYS C 202 14.71 -48.43 35.57
CA LYS C 202 14.80 -46.99 35.38
C LYS C 202 16.05 -46.40 36.03
N GLU C 203 16.55 -47.00 37.11
CA GLU C 203 17.73 -46.43 37.75
C GLU C 203 19.06 -46.99 37.30
N ASP C 204 19.02 -47.90 36.32
CA ASP C 204 20.23 -48.55 35.80
C ASP C 204 20.11 -48.74 34.31
N ILE C 205 19.86 -47.64 33.59
CA ILE C 205 19.72 -47.68 32.15
C ILE C 205 20.05 -46.33 31.52
N GLU C 206 20.55 -46.34 30.30
CA GLU C 206 20.86 -45.10 29.60
C GLU C 206 20.77 -45.34 28.12
N VAL C 207 20.47 -44.29 27.36
CA VAL C 207 20.37 -44.33 25.89
C VAL C 207 21.67 -43.74 25.37
N TYR C 208 22.59 -44.64 25.06
CA TYR C 208 23.95 -44.37 24.61
C TYR C 208 24.16 -44.14 23.13
N PHE C 209 24.49 -42.90 22.74
CA PHE C 209 24.79 -42.54 21.36
C PHE C 209 26.30 -42.62 21.04
N THR C 210 26.64 -43.10 19.86
CA THR C 210 28.04 -43.18 19.44
C THR C 210 28.20 -42.89 17.96
N GLY C 211 29.28 -42.18 17.67
CA GLY C 211 29.62 -41.80 16.32
C GLY C 211 31.12 -41.59 16.24
N PRO C 212 31.63 -41.16 15.08
CA PRO C 212 33.04 -40.91 14.83
C PRO C 212 33.69 -40.09 15.92
N GLY C 213 34.45 -40.74 16.79
CA GLY C 213 35.13 -40.06 17.89
C GLY C 213 34.14 -39.38 18.80
N TRP C 214 32.91 -39.88 18.84
CA TRP C 214 31.86 -39.24 19.63
C TRP C 214 30.94 -40.17 20.37
N GLU C 215 30.51 -39.74 21.55
CA GLU C 215 29.59 -40.53 22.33
C GLU C 215 28.91 -39.62 23.30
N ALA C 216 27.61 -39.79 23.44
CA ALA C 216 26.84 -38.96 24.36
C ALA C 216 25.63 -39.73 24.84
N ARG C 217 25.07 -39.31 25.97
CA ARG C 217 23.88 -39.95 26.51
C ARG C 217 22.61 -39.18 26.16
N GLY C 218 21.55 -39.90 25.81
CA GLY C 218 20.29 -39.25 25.50
C GLY C 218 19.67 -38.98 26.86
N SER C 219 19.40 -37.73 27.15
CA SER C 219 18.85 -37.39 28.44
C SER C 219 17.37 -37.72 28.69
N PHE C 220 17.10 -38.22 29.90
CA PHE C 220 15.73 -38.50 30.31
C PHE C 220 15.64 -38.62 31.82
N SER C 221 14.44 -38.44 32.34
CA SER C 221 14.18 -38.55 33.76
C SER C 221 13.87 -40.02 34.00
N GLN C 222 14.09 -40.52 35.22
CA GLN C 222 13.84 -41.92 35.48
C GLN C 222 12.34 -42.14 35.42
N ALA C 223 11.61 -41.08 35.67
CA ALA C 223 10.15 -41.16 35.62
C ALA C 223 9.70 -41.30 34.18
N ASP C 224 10.62 -41.09 33.24
CA ASP C 224 10.25 -41.21 31.84
C ASP C 224 10.35 -42.64 31.35
N VAL C 225 10.85 -43.50 32.24
CA VAL C 225 10.92 -44.90 31.93
C VAL C 225 9.51 -45.38 32.26
N HIS C 226 8.71 -45.69 31.26
CA HIS C 226 7.33 -46.16 31.48
C HIS C 226 7.21 -47.65 31.68
N ARG C 227 6.85 -48.07 32.89
CA ARG C 227 6.70 -49.51 33.21
C ARG C 227 7.88 -50.35 32.77
N GLN C 228 9.07 -49.78 32.89
CA GLN C 228 10.31 -50.44 32.51
C GLN C 228 10.30 -51.07 31.16
N VAL C 229 9.42 -50.56 30.32
CA VAL C 229 9.25 -51.15 29.01
C VAL C 229 9.26 -50.12 27.85
N ALA C 230 9.40 -48.86 28.20
CA ALA C 230 9.44 -47.78 27.23
C ALA C 230 10.18 -46.60 27.86
N ILE C 231 10.90 -45.86 27.03
CA ILE C 231 11.67 -44.73 27.49
C ILE C 231 11.37 -43.57 26.59
N VAL C 232 11.17 -42.40 27.18
CA VAL C 232 10.98 -41.20 26.38
C VAL C 232 12.18 -40.35 26.75
N PHE C 233 13.00 -40.03 25.76
CA PHE C 233 14.19 -39.25 26.03
C PHE C 233 14.37 -38.20 24.93
N ARG C 234 15.37 -37.35 25.07
CA ARG C 234 15.67 -36.34 24.04
C ARG C 234 17.04 -36.67 23.49
N THR C 235 17.24 -36.36 22.21
CA THR C 235 18.52 -36.63 21.60
C THR C 235 19.59 -35.66 22.08
N PRO C 236 20.80 -36.15 22.30
CA PRO C 236 21.85 -35.26 22.74
C PRO C 236 22.30 -34.50 21.51
N PRO C 237 22.92 -33.34 21.69
CA PRO C 237 23.42 -32.56 20.56
C PRO C 237 24.63 -33.30 19.96
N TYR C 238 24.71 -33.34 18.64
CA TYR C 238 25.82 -34.01 17.98
C TYR C 238 27.15 -33.29 18.21
N ALA C 239 28.25 -33.94 17.87
CA ALA C 239 29.58 -33.34 18.00
C ALA C 239 29.73 -32.08 17.14
N ASP C 240 29.10 -32.08 15.96
CA ASP C 240 29.16 -30.96 15.01
C ASP C 240 27.79 -30.31 14.83
N PRO C 241 27.66 -29.04 15.22
CA PRO C 241 26.46 -28.20 15.14
C PRO C 241 26.16 -27.65 13.74
N SER C 242 27.18 -27.68 12.89
CA SER C 242 27.04 -27.15 11.55
C SER C 242 27.03 -28.24 10.49
N LEU C 243 26.43 -29.36 10.82
CA LEU C 243 26.34 -30.48 9.89
C LEU C 243 25.90 -29.91 8.54
N GLN C 244 26.43 -30.48 7.46
CA GLN C 244 26.12 -30.04 6.09
C GLN C 244 25.41 -31.16 5.35
N ALA C 245 25.62 -32.38 5.83
CA ALA C 245 25.00 -33.56 5.26
C ALA C 245 24.69 -34.52 6.39
N PRO C 246 23.77 -35.44 6.16
CA PRO C 246 23.42 -36.39 7.21
C PRO C 246 24.65 -37.13 7.71
N VAL C 247 24.60 -37.56 8.97
CA VAL C 247 25.66 -38.35 9.58
C VAL C 247 24.96 -39.51 10.28
N ARG C 248 25.38 -40.73 9.96
CA ARG C 248 24.77 -41.87 10.58
C ARG C 248 25.53 -42.15 11.86
N VAL C 249 24.81 -42.28 12.98
CA VAL C 249 25.45 -42.61 14.26
C VAL C 249 24.66 -43.75 14.88
N SER C 250 25.23 -44.41 15.87
CA SER C 250 24.52 -45.51 16.50
C SER C 250 23.87 -45.09 17.80
N MET C 251 22.85 -45.82 18.18
CA MET C 251 22.12 -45.56 19.42
C MET C 251 21.86 -46.90 20.08
N GLN C 252 22.19 -47.04 21.35
CA GLN C 252 21.93 -48.31 22.01
C GLN C 252 21.68 -48.16 23.50
N LEU C 253 20.91 -49.10 24.03
CA LEU C 253 20.61 -49.13 25.46
C LEU C 253 21.87 -49.57 26.17
N ARG C 254 22.22 -48.89 27.24
CA ARG C 254 23.39 -49.27 28.00
C ARG C 254 23.06 -49.38 29.49
N ARG C 255 23.41 -50.51 30.11
CA ARG C 255 23.16 -50.74 31.54
C ARG C 255 24.46 -50.45 32.28
N PRO C 256 24.53 -49.30 32.96
CA PRO C 256 25.73 -48.90 33.68
C PRO C 256 26.36 -49.91 34.64
N SER C 257 25.53 -50.59 35.42
CA SER C 257 26.02 -51.54 36.43
C SER C 257 26.98 -52.57 35.89
N ASP C 258 26.72 -53.12 34.71
CA ASP C 258 27.62 -54.11 34.14
C ASP C 258 28.15 -53.72 32.76
N ARG C 259 27.93 -52.46 32.38
CA ARG C 259 28.38 -51.91 31.12
C ARG C 259 27.89 -52.58 29.84
N GLU C 260 26.92 -53.49 29.93
CA GLU C 260 26.44 -54.16 28.73
C GLU C 260 25.57 -53.33 27.77
N LEU C 261 25.51 -53.74 26.52
CA LEU C 261 24.77 -52.99 25.52
C LEU C 261 23.86 -53.84 24.68
N SER C 262 22.85 -53.16 24.15
CA SER C 262 21.87 -53.80 23.28
C SER C 262 22.44 -53.66 21.91
N GLU C 263 21.89 -54.36 20.94
CA GLU C 263 22.35 -54.17 19.57
C GLU C 263 21.95 -52.74 19.24
N PRO C 264 22.67 -52.07 18.33
CA PRO C 264 22.37 -50.68 17.96
C PRO C 264 21.18 -50.44 17.06
N MET C 265 20.69 -49.21 17.10
CA MET C 265 19.60 -48.74 16.26
C MET C 265 20.22 -47.54 15.58
N GLU C 266 20.17 -47.47 14.25
CA GLU C 266 20.77 -46.36 13.53
C GLU C 266 20.02 -45.05 13.77
N PHE C 267 20.74 -43.95 13.74
CA PHE C 267 20.15 -42.64 13.91
C PHE C 267 20.98 -41.70 13.05
N GLN C 268 20.28 -40.80 12.36
CA GLN C 268 20.92 -39.86 11.46
C GLN C 268 20.74 -38.43 11.92
N TYR C 269 21.85 -37.75 12.21
CA TYR C 269 21.78 -36.36 12.57
C TYR C 269 21.63 -35.59 11.26
N LEU C 270 20.80 -34.57 11.26
CA LEU C 270 20.60 -33.80 10.05
C LEU C 270 21.02 -32.36 10.27
N PRO C 271 21.45 -31.67 9.19
CA PRO C 271 21.85 -30.27 9.32
C PRO C 271 20.61 -29.48 9.78
N ASP C 272 20.81 -28.51 10.67
CA ASP C 272 19.69 -27.76 11.20
C ASP C 272 19.17 -26.70 10.27
N THR C 273 17.85 -26.58 10.21
CA THR C 273 17.20 -25.60 9.36
C THR C 273 15.90 -25.12 9.99
N ASP C 274 15.88 -23.86 10.39
CA ASP C 274 14.71 -23.25 10.99
C ASP C 274 13.96 -22.55 9.88
N ASP C 275 12.89 -21.85 10.24
CA ASP C 275 12.11 -21.14 9.25
C ASP C 275 12.90 -20.00 8.65
N ARG C 276 13.76 -19.38 9.45
CA ARG C 276 14.57 -18.27 8.99
C ARG C 276 15.46 -18.67 7.81
N HIS C 277 16.31 -19.67 8.02
CA HIS C 277 17.20 -20.15 6.96
C HIS C 277 16.36 -20.50 5.74
N ARG C 278 15.30 -21.28 5.97
CA ARG C 278 14.39 -21.70 4.92
C ARG C 278 13.91 -20.49 4.11
N ILE C 279 13.49 -19.44 4.81
CA ILE C 279 12.97 -18.21 4.17
C ILE C 279 14.09 -17.54 3.37
N GLU C 280 15.31 -17.59 3.90
CA GLU C 280 16.47 -17.01 3.24
C GLU C 280 16.83 -17.81 1.99
N GLU C 281 16.75 -19.14 2.08
CA GLU C 281 17.03 -19.97 0.93
C GLU C 281 16.00 -19.62 -0.14
N LYS C 282 14.81 -19.23 0.30
CA LYS C 282 13.75 -18.85 -0.61
C LYS C 282 13.97 -17.44 -1.13
N ARG C 283 14.61 -16.61 -0.33
CA ARG C 283 14.85 -15.24 -0.77
C ARG C 283 15.85 -15.17 -1.91
N LYS C 284 17.08 -15.58 -1.64
CA LYS C 284 18.11 -15.55 -2.65
C LYS C 284 17.79 -16.37 -3.88
N ARG C 285 16.82 -17.28 -3.78
CA ARG C 285 16.44 -18.08 -4.93
C ARG C 285 15.22 -17.43 -5.58
N THR C 286 15.08 -16.13 -5.37
CA THR C 286 13.95 -15.38 -5.93
C THR C 286 14.32 -13.94 -6.23
N TYR C 287 15.60 -13.59 -6.05
CA TYR C 287 16.10 -12.24 -6.31
C TYR C 287 15.60 -11.68 -7.63
N GLU C 288 16.09 -12.26 -8.72
CA GLU C 288 15.72 -11.82 -10.05
C GLU C 288 14.24 -12.09 -10.30
N THR C 289 13.79 -13.29 -9.93
CA THR C 289 12.41 -13.67 -10.12
C THR C 289 11.47 -12.57 -9.61
N PHE C 290 11.85 -11.97 -8.48
CA PHE C 290 11.05 -10.90 -7.88
C PHE C 290 11.49 -9.52 -8.38
N LYS C 291 12.79 -9.28 -8.45
CA LYS C 291 13.30 -8.00 -8.95
C LYS C 291 12.65 -7.74 -10.31
N SER C 292 12.44 -8.81 -11.06
CA SER C 292 11.82 -8.75 -12.37
C SER C 292 10.31 -8.55 -12.22
N ILE C 293 9.76 -9.01 -11.11
CA ILE C 293 8.33 -8.84 -10.88
C ILE C 293 8.10 -7.39 -10.48
N MET C 294 8.94 -6.87 -9.59
CA MET C 294 8.83 -5.49 -9.14
C MET C 294 8.75 -4.55 -10.34
N LYS C 295 9.47 -4.90 -11.39
CA LYS C 295 9.49 -4.09 -12.61
C LYS C 295 8.46 -4.53 -13.65
N LYS C 296 8.72 -5.64 -14.33
CA LYS C 296 7.83 -6.15 -15.37
C LYS C 296 6.41 -6.42 -14.86
N SER C 297 6.16 -6.17 -13.58
CA SER C 297 4.84 -6.40 -13.01
C SER C 297 4.55 -5.85 -11.60
N PRO C 298 4.70 -4.52 -11.40
CA PRO C 298 4.42 -3.95 -10.08
C PRO C 298 2.97 -4.25 -9.65
N PHE C 299 2.67 -3.99 -8.37
CA PHE C 299 1.35 -4.28 -7.80
C PHE C 299 0.23 -3.26 -7.96
N SER C 300 -0.97 -3.77 -8.20
CA SER C 300 -2.18 -2.96 -8.35
C SER C 300 -3.30 -3.80 -7.75
N GLY C 301 -4.32 -3.19 -7.17
CA GLY C 301 -5.40 -4.00 -6.61
C GLY C 301 -6.72 -3.32 -6.32
N SER D 1 -7.30 -52.37 35.29
CA SER D 1 -8.78 -52.26 35.45
C SER D 1 -9.21 -50.87 34.96
N ASN D 2 -8.55 -49.84 35.45
CA ASN D 2 -8.87 -48.50 34.98
C ASN D 2 -8.12 -48.38 33.65
N LEU D 3 -8.68 -47.61 32.73
CA LEU D 3 -8.03 -47.41 31.46
C LEU D 3 -7.45 -46.02 31.50
N LYS D 4 -6.19 -45.90 31.13
CA LYS D 4 -5.58 -44.60 31.18
C LYS D 4 -4.57 -44.37 30.07
N ILE D 5 -4.68 -43.25 29.38
CA ILE D 5 -3.72 -42.93 28.37
C ILE D 5 -2.78 -42.00 29.09
N VAL D 6 -1.56 -42.46 29.34
CA VAL D 6 -0.61 -41.64 30.08
C VAL D 6 0.33 -40.83 29.21
N ARG D 7 0.29 -41.05 27.91
CA ARG D 7 1.16 -40.29 27.02
C ARG D 7 1.05 -40.66 25.53
N MET D 8 1.20 -39.67 24.66
CA MET D 8 1.16 -39.88 23.22
C MET D 8 2.30 -39.03 22.62
N ASP D 9 3.01 -39.61 21.66
CA ASP D 9 4.12 -38.90 21.05
C ASP D 9 3.59 -37.68 20.30
N ARG D 10 2.38 -37.78 19.81
CA ARG D 10 1.81 -36.66 19.09
C ARG D 10 0.31 -36.66 19.33
N THR D 11 -0.31 -35.48 19.37
CA THR D 11 -1.73 -35.39 19.60
C THR D 11 -2.47 -34.61 18.53
N ALA D 12 -1.78 -34.39 17.42
CA ALA D 12 -2.40 -33.70 16.30
C ALA D 12 -2.06 -34.58 15.12
N GLY D 13 -2.80 -34.44 14.03
CA GLY D 13 -2.53 -35.25 12.86
C GLY D 13 -3.30 -34.71 11.69
N CYS D 14 -2.91 -35.16 10.51
CA CYS D 14 -3.56 -34.72 9.29
C CYS D 14 -4.89 -35.46 9.12
N VAL D 15 -5.90 -34.77 8.61
CA VAL D 15 -7.20 -35.39 8.41
C VAL D 15 -7.13 -36.61 7.49
N THR D 16 -6.13 -36.66 6.63
CA THR D 16 -6.03 -37.77 5.71
C THR D 16 -5.77 -39.08 6.44
N GLY D 17 -5.43 -39.01 7.72
CA GLY D 17 -5.16 -40.20 8.50
C GLY D 17 -3.96 -40.99 8.01
N GLY D 18 -3.70 -42.12 8.65
CA GLY D 18 -2.59 -42.97 8.22
C GLY D 18 -1.29 -42.68 8.91
N GLU D 19 -1.28 -41.64 9.74
CA GLU D 19 -0.08 -41.27 10.45
C GLU D 19 0.10 -42.16 11.68
N GLU D 20 1.35 -42.52 11.94
CA GLU D 20 1.70 -43.39 13.06
C GLU D 20 1.91 -42.70 14.41
N ILE D 21 1.30 -43.26 15.46
CA ILE D 21 1.44 -42.69 16.80
C ILE D 21 1.81 -43.67 17.88
N TYR D 22 2.68 -43.22 18.79
CA TYR D 22 3.11 -44.03 19.93
C TYR D 22 2.29 -43.62 21.12
N LEU D 23 1.71 -44.59 21.80
CA LEU D 23 0.91 -44.25 22.95
C LEU D 23 1.34 -45.08 24.15
N LEU D 24 1.47 -44.43 25.28
CA LEU D 24 1.85 -45.10 26.52
C LEU D 24 0.61 -45.17 27.39
N CYS D 25 0.34 -46.33 28.00
CA CYS D 25 -0.86 -46.48 28.82
C CYS D 25 -0.74 -47.37 30.02
N ASP D 26 -1.79 -47.40 30.83
CA ASP D 26 -1.82 -48.31 31.96
C ASP D 26 -2.11 -49.68 31.36
N LYS D 27 -1.94 -50.72 32.18
CA LYS D 27 -2.07 -52.09 31.72
C LYS D 27 -3.30 -52.38 30.85
N VAL D 28 -3.07 -53.06 29.73
CA VAL D 28 -4.11 -53.46 28.77
C VAL D 28 -3.74 -54.81 28.14
N GLN D 29 -4.70 -55.48 27.52
CA GLN D 29 -4.47 -56.77 26.93
C GLN D 29 -4.60 -56.64 25.41
N LYS D 30 -3.57 -57.06 24.68
CA LYS D 30 -3.54 -56.90 23.22
C LYS D 30 -4.75 -57.29 22.41
N ASP D 31 -5.59 -58.16 22.94
CA ASP D 31 -6.74 -58.58 22.17
C ASP D 31 -8.06 -58.00 22.67
N ASP D 32 -7.98 -57.24 23.74
CA ASP D 32 -9.15 -56.65 24.35
C ASP D 32 -8.95 -55.14 24.47
N ILE D 33 -8.49 -54.50 23.41
CA ILE D 33 -8.26 -53.06 23.50
C ILE D 33 -8.36 -52.40 22.14
N GLN D 34 -8.87 -51.17 22.14
CA GLN D 34 -9.00 -50.44 20.91
C GLN D 34 -8.91 -48.95 21.19
N ILE D 35 -8.49 -48.19 20.19
CA ILE D 35 -8.34 -46.76 20.33
C ILE D 35 -9.41 -46.09 19.49
N ARG D 36 -10.38 -45.49 20.19
CA ARG D 36 -11.51 -44.81 19.54
C ARG D 36 -11.34 -43.29 19.42
N PHE D 37 -11.45 -42.78 18.19
CA PHE D 37 -11.38 -41.34 17.96
C PHE D 37 -12.83 -40.89 17.76
N TYR D 38 -13.27 -39.85 18.47
CA TYR D 38 -14.65 -39.41 18.30
C TYR D 38 -14.90 -37.92 18.38
N GLU D 39 -16.00 -37.50 17.77
CA GLU D 39 -16.40 -36.12 17.72
C GLU D 39 -17.92 -35.95 17.77
N GLU D 40 -18.37 -35.19 18.76
CA GLU D 40 -19.78 -34.88 18.95
C GLU D 40 -20.30 -34.11 17.73
N GLU D 41 -21.49 -34.45 17.26
CA GLU D 41 -22.06 -33.78 16.10
C GLU D 41 -23.26 -32.91 16.49
N GLU D 42 -23.70 -32.05 15.57
CA GLU D 42 -24.84 -31.15 15.82
C GLU D 42 -26.10 -31.87 16.23
N ASN D 43 -26.43 -32.91 15.47
CA ASN D 43 -27.63 -33.71 15.69
C ASN D 43 -27.58 -34.68 16.87
N GLY D 44 -26.50 -34.68 17.65
CA GLY D 44 -26.45 -35.57 18.78
C GLY D 44 -25.76 -36.91 18.53
N GLY D 45 -25.57 -37.24 17.26
CA GLY D 45 -24.87 -38.46 16.92
C GLY D 45 -23.39 -38.20 17.12
N VAL D 46 -22.54 -39.16 16.76
CA VAL D 46 -21.11 -38.97 16.93
C VAL D 46 -20.32 -39.60 15.81
N TRP D 47 -19.32 -38.89 15.32
CA TRP D 47 -18.46 -39.46 14.30
C TRP D 47 -17.40 -40.26 15.07
N GLU D 48 -17.03 -41.44 14.61
CA GLU D 48 -16.02 -42.17 15.33
C GLU D 48 -15.11 -42.83 14.33
N GLY D 49 -13.84 -42.96 14.72
CA GLY D 49 -12.85 -43.61 13.89
C GLY D 49 -11.97 -44.42 14.81
N PHE D 50 -11.38 -45.48 14.30
CA PHE D 50 -10.53 -46.27 15.18
C PHE D 50 -9.09 -46.24 14.75
N GLY D 51 -8.20 -46.23 15.75
CA GLY D 51 -6.79 -46.26 15.44
C GLY D 51 -6.47 -47.63 14.84
N ASP D 52 -5.69 -47.65 13.77
CA ASP D 52 -5.36 -48.91 13.15
C ASP D 52 -4.14 -49.57 13.73
N PHE D 53 -4.27 -50.85 14.10
CA PHE D 53 -3.14 -51.58 14.63
C PHE D 53 -3.47 -53.04 14.92
N SER D 54 -2.44 -53.85 15.04
CA SER D 54 -2.60 -55.26 15.34
C SER D 54 -2.20 -55.59 16.77
N PRO D 55 -2.80 -56.63 17.37
CA PRO D 55 -2.37 -56.90 18.73
C PRO D 55 -0.86 -57.04 18.91
N THR D 56 -0.10 -57.22 17.83
CA THR D 56 1.34 -57.31 18.04
C THR D 56 1.93 -55.91 18.20
N ASP D 57 1.15 -54.89 17.83
CA ASP D 57 1.60 -53.52 17.98
C ASP D 57 1.39 -53.12 19.46
N VAL D 58 0.76 -53.98 20.25
CA VAL D 58 0.57 -53.65 21.65
C VAL D 58 1.82 -54.18 22.28
N HIS D 59 2.64 -53.25 22.81
CA HIS D 59 3.94 -53.57 23.39
C HIS D 59 4.00 -53.85 24.89
N ARG D 60 4.28 -55.11 25.20
CA ARG D 60 4.42 -55.54 26.58
C ARG D 60 3.29 -54.98 27.46
N GLN D 61 2.11 -54.93 26.89
CA GLN D 61 0.95 -54.46 27.62
C GLN D 61 0.94 -53.02 28.08
N PHE D 62 1.91 -52.20 27.71
CA PHE D 62 1.87 -50.84 28.24
C PHE D 62 2.01 -49.70 27.25
N ALA D 63 2.01 -50.04 25.96
CA ALA D 63 2.10 -49.03 24.91
C ALA D 63 1.51 -49.63 23.65
N ILE D 64 0.99 -48.78 22.78
CA ILE D 64 0.42 -49.25 21.54
C ILE D 64 0.94 -48.34 20.46
N VAL D 65 1.37 -48.93 19.35
CA VAL D 65 1.87 -48.15 18.21
C VAL D 65 0.78 -48.38 17.22
N PHE D 66 0.24 -47.32 16.63
CA PHE D 66 -0.87 -47.49 15.71
C PHE D 66 -0.96 -46.30 14.76
N LYS D 67 -1.82 -46.41 13.74
CA LYS D 67 -1.99 -45.30 12.79
C LYS D 67 -3.39 -44.68 12.93
N THR D 68 -3.43 -43.35 12.80
CA THR D 68 -4.66 -42.60 12.91
C THR D 68 -5.66 -42.90 11.83
N PRO D 69 -6.95 -42.80 12.16
CA PRO D 69 -8.04 -43.04 11.21
C PRO D 69 -8.22 -41.76 10.41
N LYS D 70 -8.88 -41.85 9.27
CA LYS D 70 -9.12 -40.66 8.45
C LYS D 70 -10.26 -39.90 9.08
N TYR D 71 -10.15 -38.58 9.15
CA TYR D 71 -11.22 -37.77 9.74
C TYR D 71 -12.47 -37.81 8.84
N LYS D 72 -13.63 -37.40 9.37
CA LYS D 72 -14.86 -37.48 8.57
C LYS D 72 -14.90 -36.55 7.39
N ASP D 73 -14.08 -35.49 7.44
CA ASP D 73 -14.04 -34.53 6.35
C ASP D 73 -12.61 -34.09 6.02
N ILE D 74 -12.01 -34.71 5.01
CA ILE D 74 -10.64 -34.34 4.65
C ILE D 74 -10.54 -33.05 3.89
N ASN D 75 -11.54 -32.19 3.99
CA ASN D 75 -11.52 -30.93 3.28
C ASN D 75 -11.46 -29.70 4.18
N ILE D 76 -11.87 -29.85 5.44
CA ILE D 76 -11.85 -28.73 6.37
C ILE D 76 -10.65 -27.83 6.10
N THR D 77 -10.80 -26.53 6.38
CA THR D 77 -9.72 -25.57 6.13
C THR D 77 -9.15 -25.07 7.44
N LYS D 78 -9.89 -25.31 8.51
CA LYS D 78 -9.47 -24.95 9.86
C LYS D 78 -9.37 -26.28 10.64
N PRO D 79 -8.46 -26.35 11.62
CA PRO D 79 -8.32 -27.59 12.37
C PRO D 79 -9.63 -27.95 13.04
N ALA D 80 -9.85 -29.26 13.24
CA ALA D 80 -11.05 -29.76 13.90
C ALA D 80 -10.61 -30.55 15.15
N SER D 81 -11.06 -30.14 16.33
CA SER D 81 -10.68 -30.83 17.55
C SER D 81 -11.63 -31.98 17.89
N VAL D 82 -11.08 -33.13 18.27
CA VAL D 82 -11.86 -34.32 18.58
C VAL D 82 -11.32 -34.98 19.83
N PHE D 83 -11.85 -36.15 20.18
CA PHE D 83 -11.35 -36.87 21.35
C PHE D 83 -10.83 -38.25 21.00
N VAL D 84 -9.87 -38.73 21.80
CA VAL D 84 -9.27 -40.05 21.61
C VAL D 84 -9.32 -40.74 22.95
N GLN D 85 -9.61 -42.04 22.96
CA GLN D 85 -9.66 -42.76 24.21
C GLN D 85 -9.44 -44.26 24.04
N LEU D 86 -8.89 -44.87 25.09
CA LEU D 86 -8.74 -46.31 25.07
C LEU D 86 -10.13 -46.90 25.38
N ARG D 87 -10.44 -48.01 24.74
CA ARG D 87 -11.71 -48.67 25.02
C ARG D 87 -11.53 -50.18 25.02
N ARG D 88 -11.92 -50.79 26.13
CA ARG D 88 -11.80 -52.23 26.29
C ARG D 88 -13.00 -52.88 25.59
N LYS D 89 -12.76 -54.00 24.89
CA LYS D 89 -13.83 -54.68 24.13
C LYS D 89 -14.79 -55.51 24.93
N SER D 90 -14.29 -56.20 25.94
CA SER D 90 -15.10 -57.06 26.75
C SER D 90 -16.19 -56.40 27.57
N ASP D 91 -16.04 -55.11 27.90
CA ASP D 91 -17.07 -54.37 28.66
C ASP D 91 -17.33 -52.97 28.14
N LEU D 92 -16.70 -52.63 27.01
CA LEU D 92 -16.85 -51.30 26.42
C LEU D 92 -16.51 -50.17 27.39
N GLU D 93 -15.71 -50.45 28.41
CA GLU D 93 -15.33 -49.39 29.32
C GLU D 93 -14.29 -48.54 28.58
N THR D 94 -14.14 -47.29 28.98
CA THR D 94 -13.18 -46.44 28.30
C THR D 94 -12.32 -45.59 29.22
N SER D 95 -11.23 -45.06 28.68
CA SER D 95 -10.34 -44.20 29.46
C SER D 95 -10.95 -42.80 29.40
N GLU D 96 -10.37 -41.87 30.14
CA GLU D 96 -10.87 -40.50 30.08
C GLU D 96 -10.49 -39.95 28.71
N PRO D 97 -11.35 -39.13 28.11
CA PRO D 97 -11.05 -38.55 26.79
C PRO D 97 -9.75 -37.73 26.78
N LYS D 98 -8.99 -37.82 25.70
CA LYS D 98 -7.78 -37.02 25.59
C LYS D 98 -8.16 -36.14 24.38
N PRO D 99 -7.64 -34.92 24.28
CA PRO D 99 -8.06 -34.13 23.12
C PRO D 99 -7.08 -34.29 21.98
N PHE D 100 -7.59 -34.50 20.77
CA PHE D 100 -6.76 -34.70 19.58
C PHE D 100 -7.13 -33.66 18.55
N LEU D 101 -6.13 -33.13 17.84
CA LEU D 101 -6.40 -32.09 16.85
C LEU D 101 -6.10 -32.53 15.42
N TYR D 102 -7.12 -32.51 14.57
CA TYR D 102 -6.98 -32.86 13.15
C TYR D 102 -6.80 -31.58 12.32
N TYR D 103 -5.66 -31.43 11.65
CA TYR D 103 -5.46 -30.25 10.82
C TYR D 103 -5.68 -30.58 9.36
N PRO D 104 -5.98 -29.57 8.54
CA PRO D 104 -6.23 -29.74 7.12
C PRO D 104 -5.06 -30.32 6.39
N GLU D 105 -5.38 -31.02 5.30
CA GLU D 105 -4.33 -31.56 4.45
C GLU D 105 -3.90 -30.35 3.64
N ILE D 106 -2.60 -30.10 3.56
CA ILE D 106 -2.17 -28.93 2.81
C ILE D 106 -1.78 -29.29 1.38
N LYS D 107 -2.80 -29.43 0.54
CA LYS D 107 -2.62 -29.77 -0.87
C LYS D 107 -3.20 -28.65 -1.75
N LEU E 1 0.68 -17.82 -5.60
CA LEU E 1 0.73 -16.95 -6.80
C LEU E 1 2.10 -17.01 -7.50
N THR E 2 3.08 -17.67 -6.86
CA THR E 2 4.43 -17.80 -7.43
C THR E 2 5.30 -18.91 -6.79
N GLU E 3 5.17 -20.12 -7.34
CA GLU E 3 5.92 -21.32 -6.92
C GLU E 3 5.62 -21.88 -5.53
N ASP E 4 6.29 -21.36 -4.50
CA ASP E 4 6.06 -21.83 -3.13
C ASP E 4 4.74 -21.30 -2.62
N GLY E 5 3.96 -20.72 -3.53
CA GLY E 5 2.67 -20.17 -3.18
C GLY E 5 2.68 -18.73 -2.72
N ASP E 6 3.85 -18.11 -2.66
CA ASP E 6 3.97 -16.73 -2.21
C ASP E 6 3.32 -15.69 -3.13
N SER E 7 2.53 -14.79 -2.54
CA SER E 7 1.86 -13.72 -3.30
C SER E 7 2.86 -12.57 -3.46
N PHE E 8 2.43 -11.49 -4.11
CA PHE E 8 3.32 -10.36 -4.29
C PHE E 8 3.69 -9.83 -2.92
N LEU E 9 2.71 -9.83 -2.02
CA LEU E 9 2.91 -9.34 -0.66
C LEU E 9 3.97 -10.15 0.05
N HIS E 10 3.82 -11.48 0.03
CA HIS E 10 4.79 -12.35 0.68
C HIS E 10 6.19 -12.03 0.24
N LEU E 11 6.40 -11.96 -1.07
CA LEU E 11 7.72 -11.66 -1.65
C LEU E 11 8.26 -10.30 -1.25
N ALA E 12 7.38 -9.33 -1.05
CA ALA E 12 7.80 -7.99 -0.65
C ALA E 12 8.38 -8.03 0.78
N ILE E 13 7.77 -8.84 1.64
CA ILE E 13 8.23 -8.98 3.02
C ILE E 13 9.48 -9.84 3.06
N ILE E 14 9.49 -10.90 2.25
CA ILE E 14 10.63 -11.81 2.15
C ILE E 14 11.93 -11.06 1.81
N HIS E 15 11.87 -10.19 0.82
CA HIS E 15 13.05 -9.42 0.42
C HIS E 15 13.22 -8.12 1.15
N GLU E 16 12.44 -7.94 2.20
CA GLU E 16 12.51 -6.74 3.00
C GLU E 16 12.33 -5.41 2.26
N GLU E 17 11.52 -5.41 1.22
CA GLU E 17 11.26 -4.17 0.52
C GLU E 17 10.18 -3.51 1.39
N LYS E 18 10.61 -2.72 2.37
CA LYS E 18 9.68 -2.07 3.29
C LYS E 18 8.72 -1.05 2.68
N ALA E 19 9.26 -0.02 2.03
CA ALA E 19 8.40 0.99 1.41
C ALA E 19 7.45 0.31 0.40
N LEU E 20 7.99 -0.58 -0.43
CA LEU E 20 7.16 -1.30 -1.39
C LEU E 20 6.01 -2.02 -0.68
N THR E 21 6.34 -2.73 0.39
CA THR E 21 5.36 -3.47 1.18
C THR E 21 4.31 -2.56 1.77
N MET E 22 4.77 -1.47 2.40
CA MET E 22 3.84 -0.53 2.99
C MET E 22 2.85 -0.06 1.93
N GLU E 23 3.38 0.24 0.75
CA GLU E 23 2.56 0.70 -0.35
C GLU E 23 1.56 -0.39 -0.71
N VAL E 24 2.05 -1.62 -0.79
CA VAL E 24 1.15 -2.72 -1.13
C VAL E 24 0.02 -2.80 -0.12
N ILE E 25 0.35 -2.77 1.17
CA ILE E 25 -0.69 -2.85 2.19
C ILE E 25 -1.66 -1.71 1.97
N ARG E 26 -1.12 -0.54 1.63
CA ARG E 26 -1.91 0.66 1.37
C ARG E 26 -2.87 0.36 0.21
N GLN E 27 -2.34 -0.15 -0.89
CA GLN E 27 -3.15 -0.48 -2.05
C GLN E 27 -4.24 -1.53 -1.79
N VAL E 28 -3.98 -2.46 -0.88
CA VAL E 28 -4.94 -3.51 -0.56
C VAL E 28 -5.84 -3.00 0.56
N LYS E 29 -6.55 -1.92 0.29
CA LYS E 29 -7.42 -1.29 1.26
C LYS E 29 -8.22 -2.32 2.07
N GLY E 30 -7.89 -2.49 3.35
CA GLY E 30 -8.60 -3.44 4.19
C GLY E 30 -9.18 -4.63 3.42
N ASP E 31 -8.34 -5.39 2.75
CA ASP E 31 -8.83 -6.55 2.02
C ASP E 31 -8.25 -7.81 2.58
N LEU E 32 -9.02 -8.48 3.44
CA LEU E 32 -8.59 -9.72 4.08
C LEU E 32 -8.18 -10.78 3.07
N ALA E 33 -9.06 -11.07 2.12
CA ALA E 33 -8.79 -12.07 1.11
C ALA E 33 -7.31 -12.07 0.71
N PHE E 34 -6.70 -10.88 0.67
CA PHE E 34 -5.30 -10.78 0.28
C PHE E 34 -4.36 -10.60 1.48
N LEU E 35 -4.83 -9.95 2.53
CA LEU E 35 -4.01 -9.73 3.72
C LEU E 35 -3.83 -11.00 4.54
N ASN E 36 -4.74 -11.97 4.37
CA ASN E 36 -4.68 -13.24 5.10
C ASN E 36 -4.30 -14.35 4.14
N PHE E 37 -3.73 -13.99 3.00
CA PHE E 37 -3.38 -15.00 2.03
C PHE E 37 -2.25 -15.88 2.55
N GLN E 38 -2.49 -17.18 2.58
CA GLN E 38 -1.49 -18.13 3.08
C GLN E 38 -0.78 -18.80 1.91
N ASN E 39 0.51 -19.09 2.07
CA ASN E 39 1.26 -19.76 1.01
C ASN E 39 1.28 -21.27 1.21
N ASN E 40 2.13 -21.97 0.47
CA ASN E 40 2.23 -23.42 0.54
C ASN E 40 2.73 -23.99 1.86
N LEU E 41 3.36 -23.15 2.66
CA LEU E 41 3.83 -23.56 3.98
C LEU E 41 2.79 -23.05 4.96
N GLN E 42 1.68 -22.59 4.39
CA GLN E 42 0.53 -22.05 5.13
C GLN E 42 0.84 -20.78 5.93
N GLN E 43 1.89 -20.07 5.53
CA GLN E 43 2.30 -18.83 6.17
C GLN E 43 1.53 -17.65 5.58
N THR E 44 1.20 -16.66 6.40
CA THR E 44 0.49 -15.47 5.94
C THR E 44 1.53 -14.35 5.96
N PRO E 45 1.21 -13.17 5.36
CA PRO E 45 2.17 -12.07 5.37
C PRO E 45 2.61 -11.76 6.78
N LEU E 46 1.67 -11.86 7.73
CA LEU E 46 1.98 -11.61 9.13
C LEU E 46 3.07 -12.60 9.57
N HIS E 47 2.86 -13.89 9.31
CA HIS E 47 3.87 -14.88 9.69
C HIS E 47 5.25 -14.49 9.16
N LEU E 48 5.34 -14.22 7.86
CA LEU E 48 6.61 -13.86 7.27
C LEU E 48 7.16 -12.59 7.92
N ALA E 49 6.30 -11.61 8.19
CA ALA E 49 6.78 -10.39 8.81
C ALA E 49 7.59 -10.66 10.07
N VAL E 50 6.99 -11.40 11.00
CA VAL E 50 7.65 -11.74 12.26
C VAL E 50 8.80 -12.73 12.12
N ILE E 51 8.73 -13.63 11.15
CA ILE E 51 9.84 -14.56 10.95
C ILE E 51 11.07 -13.78 10.48
N THR E 52 10.85 -12.75 9.65
CA THR E 52 11.96 -11.97 9.13
C THR E 52 12.23 -10.73 9.96
N ASN E 53 11.82 -10.75 11.22
CA ASN E 53 12.01 -9.64 12.14
C ASN E 53 11.74 -8.25 11.59
N GLN E 54 10.49 -7.99 11.21
CA GLN E 54 10.11 -6.68 10.72
C GLN E 54 8.84 -6.32 11.47
N PRO E 55 9.00 -5.90 12.73
CA PRO E 55 7.89 -5.53 13.60
C PRO E 55 6.87 -4.61 12.96
N GLU E 56 7.35 -3.50 12.42
CA GLU E 56 6.48 -2.50 11.79
C GLU E 56 5.61 -3.04 10.66
N ILE E 57 6.16 -3.89 9.81
CA ILE E 57 5.35 -4.45 8.73
C ILE E 57 4.24 -5.31 9.32
N ALA E 58 4.54 -5.95 10.45
CA ALA E 58 3.55 -6.78 11.10
C ALA E 58 2.54 -5.85 11.75
N GLU E 59 3.06 -4.81 12.40
CA GLU E 59 2.23 -3.82 13.05
C GLU E 59 1.24 -3.25 12.03
N ALA E 60 1.74 -3.07 10.81
CA ALA E 60 0.93 -2.54 9.71
C ALA E 60 -0.11 -3.57 9.29
N LEU E 61 0.34 -4.75 8.91
CA LEU E 61 -0.58 -5.81 8.52
C LEU E 61 -1.72 -5.93 9.56
N LEU E 62 -1.36 -5.84 10.84
CA LEU E 62 -2.38 -5.94 11.88
C LEU E 62 -3.30 -4.72 11.79
N GLY E 63 -2.70 -3.55 11.60
CA GLY E 63 -3.48 -2.34 11.47
C GLY E 63 -4.46 -2.48 10.32
N ALA E 64 -3.97 -2.94 9.17
CA ALA E 64 -4.83 -3.13 8.01
C ALA E 64 -5.89 -4.19 8.31
N GLY E 65 -5.82 -4.75 9.53
CA GLY E 65 -6.80 -5.74 9.94
C GLY E 65 -6.64 -7.22 9.61
N CYS E 66 -5.42 -7.72 9.39
CA CYS E 66 -5.28 -9.15 9.10
C CYS E 66 -5.69 -10.03 10.31
N ASP E 67 -5.64 -11.35 10.13
CA ASP E 67 -6.04 -12.28 11.19
C ASP E 67 -4.86 -12.80 12.01
N PRO E 68 -4.78 -12.44 13.30
CA PRO E 68 -3.69 -12.89 14.18
C PRO E 68 -3.73 -14.38 14.51
N GLU E 69 -4.87 -15.02 14.30
CA GLU E 69 -5.03 -16.43 14.64
C GLU E 69 -4.78 -17.48 13.57
N LEU E 70 -4.44 -17.11 12.35
CA LEU E 70 -4.19 -18.12 11.33
C LEU E 70 -2.92 -18.92 11.61
N ARG E 71 -3.00 -20.24 11.48
CA ARG E 71 -1.88 -21.12 11.77
C ARG E 71 -1.05 -21.59 10.59
N ASP E 72 0.28 -21.63 10.75
CA ASP E 72 1.13 -22.06 9.68
C ASP E 72 1.12 -23.59 9.60
N PHE E 73 1.90 -24.16 8.68
CA PHE E 73 1.92 -25.61 8.51
C PHE E 73 2.28 -26.38 9.78
N ARG E 74 2.78 -25.67 10.80
CA ARG E 74 3.14 -26.30 12.06
C ARG E 74 2.12 -25.96 13.14
N GLY E 75 1.04 -25.32 12.73
CA GLY E 75 0.00 -24.98 13.68
C GLY E 75 0.29 -23.72 14.46
N ASN E 76 1.30 -22.97 14.06
CA ASN E 76 1.67 -21.74 14.75
C ASN E 76 0.99 -20.43 14.35
N THR E 77 0.62 -19.61 15.34
CA THR E 77 0.08 -18.30 15.00
C THR E 77 1.35 -17.43 15.04
N PRO E 78 1.35 -16.27 14.38
CA PRO E 78 2.55 -15.42 14.38
C PRO E 78 3.15 -15.19 15.78
N LEU E 79 2.30 -15.03 16.78
CA LEU E 79 2.75 -14.82 18.16
C LEU E 79 3.58 -16.02 18.58
N HIS E 80 3.08 -17.22 18.27
CA HIS E 80 3.84 -18.43 18.57
C HIS E 80 5.25 -18.25 18.02
N LEU E 81 5.32 -17.90 16.74
CA LEU E 81 6.62 -17.70 16.11
C LEU E 81 7.40 -16.63 16.80
N ALA E 82 6.72 -15.55 17.16
CA ALA E 82 7.40 -14.46 17.83
C ALA E 82 8.03 -14.96 19.11
N CYS E 83 7.30 -15.78 19.86
CA CYS E 83 7.85 -16.29 21.12
C CYS E 83 8.88 -17.38 20.91
N GLU E 84 8.73 -18.16 19.85
CA GLU E 84 9.69 -19.23 19.59
C GLU E 84 11.03 -18.66 19.14
N GLN E 85 11.00 -17.53 18.46
CA GLN E 85 12.21 -16.88 17.97
C GLN E 85 12.82 -15.92 18.97
N GLY E 86 12.07 -15.56 20.00
CA GLY E 86 12.62 -14.64 20.97
C GLY E 86 12.59 -13.18 20.58
N CYS E 87 11.93 -12.83 19.48
CA CYS E 87 11.87 -11.42 19.12
C CYS E 87 10.90 -10.72 20.04
N LEU E 88 11.45 -9.92 20.95
CA LEU E 88 10.64 -9.22 21.93
C LEU E 88 9.85 -8.03 21.35
N ALA E 89 10.31 -7.47 20.23
CA ALA E 89 9.58 -6.36 19.63
C ALA E 89 8.34 -6.95 18.99
N SER E 90 8.52 -7.97 18.14
CA SER E 90 7.41 -8.65 17.49
C SER E 90 6.36 -9.06 18.53
N VAL E 91 6.82 -9.63 19.65
CA VAL E 91 5.92 -10.04 20.70
C VAL E 91 5.08 -8.87 21.12
N GLY E 92 5.74 -7.74 21.35
CA GLY E 92 5.05 -6.53 21.78
C GLY E 92 3.98 -6.12 20.80
N VAL E 93 4.36 -5.99 19.53
CA VAL E 93 3.42 -5.62 18.51
C VAL E 93 2.25 -6.60 18.43
N LEU E 94 2.54 -7.90 18.48
CA LEU E 94 1.48 -8.90 18.40
C LEU E 94 0.59 -9.01 19.64
N THR E 95 0.95 -8.38 20.74
CA THR E 95 0.14 -8.48 21.93
C THR E 95 -0.46 -7.15 22.33
N GLN E 96 0.22 -6.07 21.94
CA GLN E 96 -0.25 -4.71 22.26
C GLN E 96 -1.38 -4.34 21.32
N SER E 97 -1.16 -4.54 20.03
CA SER E 97 -2.18 -4.22 19.03
C SER E 97 -3.54 -4.89 19.27
N CYS E 98 -3.68 -6.15 18.86
CA CYS E 98 -4.95 -6.85 19.03
C CYS E 98 -5.29 -7.07 20.49
N THR E 99 -5.49 -6.00 21.24
CA THR E 99 -5.84 -6.10 22.66
C THR E 99 -7.16 -6.87 22.82
N THR E 100 -7.73 -7.26 21.69
CA THR E 100 -8.98 -8.00 21.65
C THR E 100 -8.88 -9.27 22.50
N PRO E 101 -10.02 -9.78 22.98
CA PRO E 101 -10.00 -11.00 23.79
C PRO E 101 -9.50 -12.16 22.94
N HIS E 102 -9.00 -11.85 21.75
CA HIS E 102 -8.44 -12.88 20.88
C HIS E 102 -7.11 -13.32 21.48
N LEU E 103 -6.51 -12.44 22.28
CA LEU E 103 -5.26 -12.73 22.95
C LEU E 103 -5.49 -13.97 23.80
N HIS E 104 -6.52 -13.93 24.64
CA HIS E 104 -6.82 -15.05 25.51
C HIS E 104 -6.85 -16.37 24.70
N SER E 105 -7.38 -16.31 23.49
CA SER E 105 -7.46 -17.51 22.65
C SER E 105 -6.09 -17.96 22.16
N ILE E 106 -5.31 -17.01 21.68
CA ILE E 106 -3.98 -17.28 21.20
C ILE E 106 -3.13 -17.84 22.33
N LEU E 107 -3.08 -17.12 23.44
CA LEU E 107 -2.33 -17.56 24.59
C LEU E 107 -2.76 -18.96 25.02
N LYS E 108 -3.97 -19.34 24.63
CA LYS E 108 -4.53 -20.62 25.00
C LYS E 108 -4.23 -21.73 23.99
N ALA E 109 -4.06 -21.35 22.72
CA ALA E 109 -3.83 -22.33 21.66
C ALA E 109 -2.46 -22.96 21.60
N THR E 110 -2.44 -24.24 21.27
CA THR E 110 -1.19 -24.97 21.15
C THR E 110 -1.01 -25.29 19.67
N ASN E 111 0.22 -25.57 19.24
CA ASN E 111 0.44 -25.89 17.85
C ASN E 111 0.38 -27.41 17.69
N TYR E 112 0.67 -27.90 16.50
CA TYR E 112 0.60 -29.33 16.26
C TYR E 112 1.59 -30.17 17.07
N ASN E 113 2.38 -29.53 17.93
CA ASN E 113 3.29 -30.30 18.78
C ASN E 113 2.80 -30.07 20.20
N GLY E 114 1.64 -29.44 20.31
CA GLY E 114 1.03 -29.15 21.60
C GLY E 114 1.79 -28.12 22.41
N HIS E 115 2.03 -26.97 21.82
CA HIS E 115 2.77 -25.95 22.50
C HIS E 115 2.09 -24.61 22.48
N THR E 116 2.03 -23.98 23.65
CA THR E 116 1.46 -22.64 23.73
C THR E 116 2.60 -21.65 23.59
N CYS E 117 2.26 -20.38 23.54
CA CYS E 117 3.27 -19.35 23.44
C CYS E 117 4.21 -19.45 24.63
N LEU E 118 3.63 -19.52 25.84
CA LEU E 118 4.45 -19.62 27.04
C LEU E 118 5.39 -20.84 26.90
N HIS E 119 4.86 -21.97 26.45
CA HIS E 119 5.68 -23.16 26.27
C HIS E 119 6.86 -22.95 25.31
N LEU E 120 6.60 -22.31 24.18
CA LEU E 120 7.68 -22.07 23.23
C LEU E 120 8.70 -21.13 23.82
N ALA E 121 8.22 -20.12 24.55
CA ALA E 121 9.15 -19.18 25.15
C ALA E 121 10.01 -19.88 26.18
N SER E 122 9.38 -20.75 26.97
CA SER E 122 10.07 -21.49 28.03
C SER E 122 11.03 -22.53 27.45
N ILE E 123 10.67 -23.14 26.33
CA ILE E 123 11.55 -24.13 25.75
C ILE E 123 12.88 -23.49 25.42
N HIS E 124 12.85 -22.30 24.85
CA HIS E 124 14.13 -21.62 24.61
C HIS E 124 14.27 -20.87 25.93
N GLY E 125 15.31 -20.10 26.17
CA GLY E 125 15.33 -19.53 27.51
C GLY E 125 14.77 -18.16 27.77
N TYR E 126 13.98 -17.63 26.85
CA TYR E 126 13.41 -16.28 26.90
C TYR E 126 12.54 -15.96 28.12
N LEU E 127 13.20 -15.78 29.26
CA LEU E 127 12.53 -15.51 30.50
C LEU E 127 11.72 -14.23 30.49
N GLY E 128 12.20 -13.25 29.73
CA GLY E 128 11.54 -11.95 29.62
C GLY E 128 10.21 -12.09 28.90
N ILE E 129 10.19 -12.91 27.84
CA ILE E 129 8.95 -13.15 27.11
C ILE E 129 8.06 -14.02 28.00
N VAL E 130 8.67 -14.96 28.72
CA VAL E 130 7.87 -15.82 29.58
C VAL E 130 7.09 -14.97 30.58
N GLU E 131 7.81 -14.14 31.32
CA GLU E 131 7.20 -13.27 32.33
C GLU E 131 6.21 -12.30 31.70
N LEU E 132 6.50 -11.84 30.50
CA LEU E 132 5.58 -10.92 29.84
C LEU E 132 4.29 -11.63 29.53
N LEU E 133 4.40 -12.82 28.93
CA LEU E 133 3.23 -13.59 28.59
C LEU E 133 2.35 -13.86 29.80
N VAL E 134 2.96 -14.06 30.97
CA VAL E 134 2.17 -14.33 32.15
C VAL E 134 1.40 -13.09 32.63
N SER E 135 2.07 -11.95 32.66
CA SER E 135 1.40 -10.72 33.12
C SER E 135 0.37 -10.30 32.11
N LEU E 136 0.42 -10.93 30.96
CA LEU E 136 -0.52 -10.61 29.89
C LEU E 136 -1.77 -11.46 29.97
N GLY E 137 -1.72 -12.52 30.79
CA GLY E 137 -2.83 -13.45 31.05
C GLY E 137 -2.68 -14.91 30.64
N ALA E 138 -1.50 -15.31 30.19
CA ALA E 138 -1.26 -16.70 29.83
C ALA E 138 -1.16 -17.45 31.15
N ASP E 139 -1.72 -18.64 31.20
CA ASP E 139 -1.74 -19.44 32.41
C ASP E 139 -0.45 -20.22 32.70
N VAL E 140 0.34 -19.81 33.69
CA VAL E 140 1.60 -20.54 33.96
C VAL E 140 1.43 -22.01 34.24
N ASN E 141 0.23 -22.43 34.61
CA ASN E 141 0.04 -23.84 34.88
C ASN E 141 -0.60 -24.57 33.73
N ALA E 142 -0.69 -23.91 32.56
CA ALA E 142 -1.25 -24.57 31.37
C ALA E 142 -0.51 -25.87 31.10
N GLN E 143 -1.26 -26.92 30.81
CA GLN E 143 -0.65 -28.20 30.53
C GLN E 143 -0.60 -28.56 29.06
N GLU E 144 0.52 -29.13 28.67
CA GLU E 144 0.77 -29.57 27.30
C GLU E 144 -0.08 -30.88 27.12
N PRO E 145 -0.66 -31.09 25.93
CA PRO E 145 -1.50 -32.27 25.65
C PRO E 145 -0.92 -33.69 25.61
N CYS E 146 0.32 -33.83 25.17
CA CYS E 146 0.95 -35.13 25.05
C CYS E 146 1.22 -35.88 26.35
N ASN E 147 1.59 -35.17 27.40
CA ASN E 147 1.92 -35.81 28.66
C ASN E 147 1.34 -35.03 29.83
N GLY E 148 0.75 -33.88 29.53
CA GLY E 148 0.16 -33.06 30.57
C GLY E 148 1.20 -32.26 31.33
N ARG E 149 2.33 -31.96 30.71
CA ARG E 149 3.36 -31.19 31.41
C ARG E 149 3.10 -29.71 31.51
N THR E 150 3.59 -29.07 32.57
CA THR E 150 3.46 -27.62 32.69
C THR E 150 4.83 -27.03 32.39
N ALA E 151 4.88 -25.74 32.16
CA ALA E 151 6.15 -25.04 31.91
C ALA E 151 7.18 -25.46 32.99
N LEU E 152 6.72 -25.62 34.24
CA LEU E 152 7.60 -26.02 35.32
C LEU E 152 8.25 -27.36 35.01
N HIS E 153 7.45 -28.33 34.57
CA HIS E 153 7.99 -29.64 34.23
C HIS E 153 9.07 -29.44 33.16
N LEU E 154 8.68 -28.78 32.06
CA LEU E 154 9.59 -28.53 30.97
C LEU E 154 10.88 -27.92 31.49
N ALA E 155 10.75 -27.03 32.48
CA ALA E 155 11.93 -26.38 33.03
C ALA E 155 12.86 -27.40 33.65
N VAL E 156 12.31 -28.40 34.32
CA VAL E 156 13.14 -29.39 34.92
C VAL E 156 13.72 -30.20 33.80
N ASP E 157 12.87 -30.55 32.86
CA ASP E 157 13.25 -31.34 31.70
C ASP E 157 14.43 -30.64 30.96
N LEU E 158 14.39 -29.32 30.93
CA LEU E 158 15.42 -28.51 30.30
C LEU E 158 16.54 -28.13 31.24
N GLN E 159 16.48 -28.59 32.48
CA GLN E 159 17.52 -28.26 33.44
C GLN E 159 17.85 -26.77 33.40
N ASN E 160 16.82 -25.93 33.58
CA ASN E 160 17.02 -24.50 33.56
C ASN E 160 16.59 -23.84 34.87
N PRO E 161 17.48 -23.81 35.88
CA PRO E 161 17.18 -23.21 37.19
C PRO E 161 16.65 -21.79 37.15
N ASP E 162 17.07 -21.01 36.16
CA ASP E 162 16.55 -19.66 36.06
C ASP E 162 15.08 -19.70 35.68
N LEU E 163 14.74 -20.52 34.69
CA LEU E 163 13.34 -20.64 34.28
C LEU E 163 12.52 -21.13 35.47
N VAL E 164 13.05 -22.09 36.21
CA VAL E 164 12.33 -22.58 37.37
C VAL E 164 12.01 -21.41 38.30
N SER E 165 13.03 -20.63 38.65
CA SER E 165 12.86 -19.50 39.56
C SER E 165 11.81 -18.56 39.08
N LEU E 166 11.86 -18.22 37.81
CA LEU E 166 10.90 -17.29 37.24
C LEU E 166 9.47 -17.82 37.35
N LEU E 167 9.28 -19.08 37.02
CA LEU E 167 7.96 -19.68 37.07
C LEU E 167 7.42 -19.71 38.50
N LEU E 168 8.29 -19.97 39.47
CA LEU E 168 7.85 -20.00 40.86
C LEU E 168 7.52 -18.57 41.29
N LYS E 169 8.24 -17.62 40.69
CA LYS E 169 8.03 -16.23 41.05
C LYS E 169 6.67 -15.81 40.53
N CYS E 170 6.22 -16.48 39.48
CA CYS E 170 4.95 -16.20 38.84
C CYS E 170 3.81 -17.04 39.34
N GLY E 171 4.02 -17.73 40.48
CA GLY E 171 2.98 -18.55 41.08
C GLY E 171 2.70 -19.91 40.45
N ALA E 172 3.68 -20.47 39.77
CA ALA E 172 3.47 -21.78 39.16
C ALA E 172 3.23 -22.83 40.25
N ASP E 173 2.24 -23.69 40.05
CA ASP E 173 1.90 -24.74 41.00
C ASP E 173 2.88 -25.93 40.96
N VAL E 174 3.76 -26.02 41.95
CA VAL E 174 4.74 -27.11 41.95
C VAL E 174 4.12 -28.48 42.16
N ASN E 175 2.84 -28.55 42.48
CA ASN E 175 2.20 -29.85 42.69
C ASN E 175 1.28 -30.27 41.55
N ARG E 176 1.31 -29.55 40.44
CA ARG E 176 0.53 -29.93 39.26
C ARG E 176 1.20 -31.20 38.76
N VAL E 177 0.46 -32.23 38.39
CA VAL E 177 1.15 -33.43 37.95
C VAL E 177 0.88 -33.80 36.52
N THR E 178 1.82 -34.52 35.92
CA THR E 178 1.68 -34.94 34.53
C THR E 178 0.64 -36.06 34.47
N TYR E 179 0.33 -36.54 33.28
CA TYR E 179 -0.63 -37.64 33.13
C TYR E 179 -0.11 -38.90 33.82
N GLN E 180 1.20 -38.99 34.00
CA GLN E 180 1.81 -40.14 34.65
C GLN E 180 1.75 -40.00 36.17
N GLY E 181 1.17 -38.89 36.61
CA GLY E 181 1.05 -38.62 38.03
C GLY E 181 2.27 -37.99 38.67
N TYR E 182 3.18 -37.43 37.88
CA TYR E 182 4.41 -36.86 38.39
C TYR E 182 4.46 -35.35 38.57
N SER E 183 5.18 -34.92 39.60
CA SER E 183 5.35 -33.52 39.86
C SER E 183 6.68 -33.14 39.26
N PRO E 184 6.92 -31.84 39.06
CA PRO E 184 8.18 -31.39 38.49
C PRO E 184 9.33 -31.96 39.30
N TYR E 185 9.16 -31.97 40.61
CA TYR E 185 10.21 -32.50 41.46
C TYR E 185 10.56 -33.93 41.09
N GLN E 186 9.52 -34.75 40.86
CA GLN E 186 9.77 -36.12 40.52
C GLN E 186 10.46 -36.38 39.18
N LEU E 187 10.47 -35.37 38.30
CA LEU E 187 11.17 -35.51 37.04
C LEU E 187 12.64 -35.23 37.26
N THR E 188 13.07 -34.78 38.46
CA THR E 188 14.48 -34.46 38.68
C THR E 188 15.34 -35.73 38.80
N TRP E 189 14.75 -36.82 39.29
CA TRP E 189 15.55 -38.04 39.45
C TRP E 189 16.09 -38.50 38.10
N GLY E 190 17.40 -38.64 38.03
CA GLY E 190 18.04 -39.06 36.80
C GLY E 190 18.63 -37.87 36.09
N ARG E 191 18.32 -36.67 36.57
CA ARG E 191 18.86 -35.47 35.93
C ARG E 191 19.92 -34.93 36.85
N PRO E 192 20.95 -34.30 36.29
CA PRO E 192 22.04 -33.77 37.12
C PRO E 192 21.83 -32.64 38.12
N SER E 193 21.02 -31.66 37.76
CA SER E 193 20.85 -30.51 38.61
C SER E 193 20.31 -30.63 40.03
N THR E 194 21.18 -30.37 40.99
CA THR E 194 20.79 -30.36 42.38
C THR E 194 20.13 -29.01 42.72
N ARG E 195 20.59 -27.94 42.09
CA ARG E 195 20.00 -26.62 42.32
C ARG E 195 18.50 -26.71 42.14
N ILE E 196 18.05 -27.28 41.02
CA ILE E 196 16.62 -27.39 40.75
C ILE E 196 15.91 -28.21 41.82
N GLN E 197 16.53 -29.29 42.26
CA GLN E 197 15.93 -30.12 43.26
C GLN E 197 15.77 -29.34 44.57
N GLN E 198 16.60 -28.32 44.78
CA GLN E 198 16.49 -27.51 45.98
C GLN E 198 15.36 -26.54 45.79
N GLN E 199 15.33 -25.87 44.65
CA GLN E 199 14.30 -24.89 44.40
C GLN E 199 12.93 -25.52 44.54
N LEU E 200 12.83 -26.83 44.38
CA LEU E 200 11.50 -27.46 44.41
C LEU E 200 11.09 -28.25 45.63
N GLY E 201 12.04 -28.70 46.45
CA GLY E 201 11.70 -29.45 47.65
C GLY E 201 10.76 -28.71 48.62
N GLN E 202 9.72 -28.05 48.09
CA GLN E 202 8.69 -27.34 48.88
C GLN E 202 7.36 -27.78 48.21
N LEU E 203 7.32 -29.04 47.83
CA LEU E 203 6.12 -29.54 47.25
C LEU E 203 5.72 -30.79 48.05
N THR E 204 4.43 -31.11 48.05
CA THR E 204 3.95 -32.23 48.85
C THR E 204 4.91 -33.41 48.95
N LEU E 205 5.16 -33.85 50.19
CA LEU E 205 6.04 -34.98 50.50
C LEU E 205 5.60 -36.20 49.70
N GLU E 206 4.31 -36.30 49.42
CA GLU E 206 3.78 -37.43 48.66
C GLU E 206 4.09 -37.33 47.16
N ASN E 207 4.66 -36.21 46.73
CA ASN E 207 5.01 -35.99 45.33
C ASN E 207 6.51 -35.84 45.10
N LEU E 208 7.33 -36.40 45.98
CA LEU E 208 8.78 -36.27 45.84
C LEU E 208 9.52 -37.49 45.26
N GLN E 209 9.30 -38.67 45.83
CA GLN E 209 10.00 -39.86 45.35
C GLN E 209 9.21 -40.63 44.28
N MET E 210 9.91 -41.50 43.55
CA MET E 210 9.28 -42.33 42.53
C MET E 210 8.53 -43.48 43.20
N LEU E 211 8.28 -44.54 42.45
CA LEU E 211 7.57 -45.68 43.00
C LEU E 211 8.37 -46.92 42.63
N PRO E 212 8.08 -48.09 43.24
CA PRO E 212 8.77 -49.34 42.96
C PRO E 212 7.83 -50.29 42.19
N GLU E 213 8.26 -51.55 41.96
CA GLU E 213 7.44 -52.57 41.28
C GLU E 213 8.27 -53.71 40.65
N LEU F 1 -11.14 66.69 -60.33
CA LEU F 1 -11.27 68.07 -60.88
C LEU F 1 -12.53 68.75 -60.36
N THR F 2 -13.58 67.96 -60.10
CA THR F 2 -14.84 68.50 -59.58
C THR F 2 -14.69 68.85 -58.10
N GLU F 3 -15.80 68.88 -57.37
CA GLU F 3 -15.78 69.26 -55.95
C GLU F 3 -15.23 68.20 -55.00
N ASP F 4 -15.88 67.04 -54.95
CA ASP F 4 -15.44 65.96 -54.07
C ASP F 4 -14.10 65.36 -54.51
N GLY F 5 -13.37 66.10 -55.33
CA GLY F 5 -12.08 65.64 -55.83
C GLY F 5 -12.22 64.71 -57.04
N ASP F 6 -13.46 64.49 -57.46
CA ASP F 6 -13.77 63.60 -58.60
C ASP F 6 -13.52 64.24 -59.95
N SER F 7 -12.99 63.47 -60.91
CA SER F 7 -12.75 64.00 -62.24
C SER F 7 -13.98 63.66 -63.09
N PHE F 8 -13.94 63.99 -64.38
CA PHE F 8 -15.05 63.70 -65.27
C PHE F 8 -15.14 62.19 -65.46
N LEU F 9 -14.00 61.51 -65.40
CA LEU F 9 -13.98 60.07 -65.58
C LEU F 9 -14.73 59.45 -64.41
N HIS F 10 -14.44 59.95 -63.21
CA HIS F 10 -15.09 59.48 -62.00
C HIS F 10 -16.60 59.57 -62.18
N LEU F 11 -17.07 60.71 -62.67
CA LEU F 11 -18.50 60.93 -62.91
C LEU F 11 -18.99 60.02 -64.03
N ALA F 12 -18.17 59.89 -65.06
CA ALA F 12 -18.47 59.04 -66.21
C ALA F 12 -18.92 57.65 -65.76
N ILE F 13 -18.31 57.18 -64.67
CA ILE F 13 -18.61 55.86 -64.13
C ILE F 13 -19.63 55.92 -63.00
N ILE F 14 -19.48 56.92 -62.11
CA ILE F 14 -20.39 57.09 -60.99
C ILE F 14 -21.86 57.10 -61.42
N HIS F 15 -22.16 57.80 -62.51
CA HIS F 15 -23.54 57.86 -62.99
C HIS F 15 -23.86 56.74 -63.98
N GLU F 16 -22.92 55.80 -64.08
CA GLU F 16 -23.09 54.64 -64.95
C GLU F 16 -23.34 54.97 -66.41
N GLU F 17 -22.67 56.00 -66.90
CA GLU F 17 -22.79 56.37 -68.30
C GLU F 17 -21.71 55.54 -68.97
N LYS F 18 -21.95 54.23 -69.03
CA LYS F 18 -21.00 53.29 -69.63
C LYS F 18 -20.50 53.81 -70.97
N ALA F 19 -21.44 54.13 -71.84
CA ALA F 19 -21.15 54.64 -73.18
C ALA F 19 -20.06 55.69 -73.07
N LEU F 20 -20.41 56.81 -72.44
CA LEU F 20 -19.48 57.91 -72.25
C LEU F 20 -18.12 57.40 -71.75
N THR F 21 -18.17 56.60 -70.69
CA THR F 21 -16.96 56.04 -70.07
C THR F 21 -16.17 55.23 -71.09
N MET F 22 -16.83 54.22 -71.66
CA MET F 22 -16.17 53.39 -72.67
C MET F 22 -15.40 54.28 -73.63
N GLU F 23 -16.01 55.40 -73.99
CA GLU F 23 -15.39 56.35 -74.91
C GLU F 23 -14.32 57.21 -74.26
N VAL F 24 -14.65 57.90 -73.18
CA VAL F 24 -13.68 58.76 -72.51
C VAL F 24 -12.35 58.02 -72.35
N ILE F 25 -12.44 56.77 -71.89
CA ILE F 25 -11.27 55.95 -71.67
C ILE F 25 -10.71 55.47 -73.01
N ARG F 26 -11.42 55.80 -74.08
CA ARG F 26 -11.00 55.42 -75.42
C ARG F 26 -10.44 56.62 -76.16
N GLN F 27 -11.14 57.74 -76.05
CA GLN F 27 -10.73 58.98 -76.71
C GLN F 27 -9.48 59.46 -75.99
N VAL F 28 -9.49 59.37 -74.67
CA VAL F 28 -8.33 59.75 -73.87
C VAL F 28 -7.54 58.46 -73.72
N LYS F 29 -6.40 58.39 -74.40
CA LYS F 29 -5.57 57.21 -74.34
C LYS F 29 -4.39 57.28 -73.40
N GLY F 30 -3.95 56.09 -73.06
CA GLY F 30 -2.82 55.85 -72.18
C GLY F 30 -2.29 57.00 -71.37
N ASP F 31 -3.14 57.69 -70.62
CA ASP F 31 -2.65 58.78 -69.80
C ASP F 31 -2.91 58.47 -68.32
N LEU F 32 -1.88 57.96 -67.66
CA LEU F 32 -1.95 57.63 -66.25
C LEU F 32 -2.40 58.80 -65.39
N ALA F 33 -1.69 59.92 -65.51
CA ALA F 33 -2.02 61.11 -64.74
C ALA F 33 -3.53 61.25 -64.53
N PHE F 34 -4.31 60.87 -65.54
CA PHE F 34 -5.76 60.98 -65.44
C PHE F 34 -6.45 59.66 -65.14
N LEU F 35 -5.88 58.56 -65.61
CA LEU F 35 -6.46 57.23 -65.37
C LEU F 35 -6.24 56.75 -63.94
N ASN F 36 -5.27 57.33 -63.25
CA ASN F 36 -4.97 56.97 -61.87
C ASN F 36 -5.36 58.13 -60.96
N PHE F 37 -6.20 59.01 -61.46
CA PHE F 37 -6.59 60.15 -60.65
C PHE F 37 -7.43 59.69 -59.47
N GLN F 38 -7.00 60.07 -58.27
CA GLN F 38 -7.70 59.69 -57.05
C GLN F 38 -8.53 60.87 -56.52
N ASN F 39 -9.69 60.58 -55.94
CA ASN F 39 -10.52 61.66 -55.40
C ASN F 39 -10.26 61.86 -53.91
N ASN F 40 -11.13 62.63 -53.25
CA ASN F 40 -10.98 62.94 -51.82
C ASN F 40 -11.10 61.76 -50.88
N LEU F 41 -11.67 60.66 -51.37
CA LEU F 41 -11.79 59.43 -50.57
C LEU F 41 -10.67 58.53 -51.06
N GLN F 42 -9.79 59.14 -51.85
CA GLN F 42 -8.61 58.50 -52.43
C GLN F 42 -8.92 57.37 -53.39
N GLN F 43 -10.14 57.37 -53.93
CA GLN F 43 -10.59 56.34 -54.87
C GLN F 43 -10.15 56.72 -56.29
N THR F 44 -9.83 55.72 -57.10
CA THR F 44 -9.45 55.94 -58.50
C THR F 44 -10.61 55.45 -59.36
N PRO F 45 -10.60 55.76 -60.66
CA PRO F 45 -11.70 55.31 -61.51
C PRO F 45 -11.87 53.81 -61.39
N LEU F 46 -10.76 53.10 -61.23
CA LEU F 46 -10.81 51.65 -61.10
C LEU F 46 -11.63 51.32 -59.85
N HIS F 47 -11.28 51.93 -58.72
CA HIS F 47 -12.02 51.67 -57.49
C HIS F 47 -13.52 51.83 -57.70
N LEU F 48 -13.91 52.98 -58.25
CA LEU F 48 -15.32 53.26 -58.47
C LEU F 48 -15.95 52.24 -59.40
N ALA F 49 -15.22 51.84 -60.44
CA ALA F 49 -15.75 50.85 -61.37
C ALA F 49 -16.22 49.57 -60.65
N VAL F 50 -15.33 48.99 -59.85
CA VAL F 50 -15.65 47.77 -59.11
C VAL F 50 -16.64 47.99 -57.95
N ILE F 51 -16.63 49.18 -57.35
CA ILE F 51 -17.57 49.45 -56.28
C ILE F 51 -18.99 49.51 -56.87
N THR F 52 -19.11 50.03 -58.08
CA THR F 52 -20.41 50.15 -58.73
C THR F 52 -20.70 48.97 -59.65
N ASN F 53 -20.02 47.86 -59.41
CA ASN F 53 -20.19 46.65 -60.21
C ASN F 53 -20.27 46.84 -61.72
N GLN F 54 -19.18 47.34 -62.29
CA GLN F 54 -19.10 47.52 -63.72
C GLN F 54 -17.77 46.90 -64.15
N PRO F 55 -17.74 45.57 -64.24
CA PRO F 55 -16.55 44.80 -64.62
C PRO F 55 -15.84 45.34 -65.85
N GLU F 56 -16.59 45.50 -66.94
CA GLU F 56 -16.04 45.96 -68.22
C GLU F 56 -15.32 47.31 -68.14
N ILE F 57 -15.91 48.27 -67.42
CA ILE F 57 -15.29 49.58 -67.31
C ILE F 57 -13.95 49.43 -66.59
N ALA F 58 -13.92 48.50 -65.64
CA ALA F 58 -12.70 48.25 -64.90
C ALA F 58 -11.74 47.51 -65.83
N GLU F 59 -12.28 46.55 -66.56
CA GLU F 59 -11.48 45.78 -67.52
C GLU F 59 -10.83 46.77 -68.51
N ALA F 60 -11.59 47.80 -68.87
CA ALA F 60 -11.12 48.83 -69.79
C ALA F 60 -10.04 49.65 -69.13
N LEU F 61 -10.37 50.28 -68.00
CA LEU F 61 -9.39 51.09 -67.28
C LEU F 61 -8.06 50.34 -67.15
N LEU F 62 -8.14 49.04 -66.86
CA LEU F 62 -6.94 48.22 -66.74
C LEU F 62 -6.25 48.15 -68.10
N GLY F 63 -7.06 47.89 -69.13
CA GLY F 63 -6.53 47.82 -70.49
C GLY F 63 -5.80 49.09 -70.84
N ALA F 64 -6.43 50.23 -70.56
CA ALA F 64 -5.82 51.53 -70.82
C ALA F 64 -4.55 51.69 -69.96
N GLY F 65 -4.29 50.69 -69.12
CA GLY F 65 -3.10 50.69 -68.27
C GLY F 65 -3.07 51.36 -66.90
N CYS F 66 -4.22 51.52 -66.23
CA CYS F 66 -4.19 52.17 -64.91
C CYS F 66 -3.41 51.33 -63.90
N ASP F 67 -3.28 51.82 -62.68
CA ASP F 67 -2.52 51.13 -61.64
C ASP F 67 -3.42 50.31 -60.69
N PRO F 68 -3.29 48.99 -60.72
CA PRO F 68 -4.09 48.09 -59.86
C PRO F 68 -3.74 48.17 -58.38
N GLU F 69 -2.59 48.76 -58.06
CA GLU F 69 -2.17 48.83 -56.67
C GLU F 69 -2.45 50.08 -55.86
N LEU F 70 -3.10 51.08 -56.43
CA LEU F 70 -3.38 52.29 -55.65
C LEU F 70 -4.42 52.02 -54.58
N ARG F 71 -4.16 52.50 -53.37
CA ARG F 71 -5.05 52.29 -52.23
C ARG F 71 -6.02 53.41 -51.90
N ASP F 72 -7.26 53.06 -51.57
CA ASP F 72 -8.24 54.07 -51.20
C ASP F 72 -7.99 54.55 -49.77
N PHE F 73 -8.82 55.46 -49.29
CA PHE F 73 -8.66 56.01 -47.94
C PHE F 73 -8.62 54.95 -46.83
N ARG F 74 -9.03 53.72 -47.19
CA ARG F 74 -9.05 52.60 -46.24
C ARG F 74 -7.88 51.64 -46.53
N GLY F 75 -7.02 52.05 -47.44
CA GLY F 75 -5.86 51.25 -47.77
C GLY F 75 -6.16 50.10 -48.71
N ASN F 76 -7.34 50.12 -49.33
CA ASN F 76 -7.74 49.05 -50.24
C ASN F 76 -7.41 49.20 -51.72
N THR F 77 -6.98 48.11 -52.35
CA THR F 77 -6.74 48.14 -53.78
C THR F 77 -8.09 47.69 -54.32
N PRO F 78 -8.39 47.99 -55.59
CA PRO F 78 -9.68 47.57 -56.14
C PRO F 78 -10.02 46.09 -55.91
N LEU F 79 -9.01 45.22 -56.02
CA LEU F 79 -9.22 43.78 -55.80
C LEU F 79 -9.73 43.57 -54.39
N HIS F 80 -9.12 44.25 -53.42
CA HIS F 80 -9.58 44.17 -52.04
C HIS F 80 -11.08 44.44 -52.05
N LEU F 81 -11.47 45.54 -52.70
CA LEU F 81 -12.88 45.89 -52.75
C LEU F 81 -13.67 44.81 -53.42
N ALA F 82 -13.14 44.31 -54.52
CA ALA F 82 -13.83 43.27 -55.26
C ALA F 82 -14.09 42.07 -54.36
N CYS F 83 -13.10 41.70 -53.56
CA CYS F 83 -13.25 40.56 -52.66
C CYS F 83 -14.15 40.87 -51.45
N GLU F 84 -14.09 42.11 -50.97
CA GLU F 84 -14.89 42.51 -49.83
C GLU F 84 -16.37 42.56 -50.20
N GLN F 85 -16.66 42.92 -51.45
CA GLN F 85 -18.03 43.01 -51.93
C GLN F 85 -18.57 41.72 -52.47
N GLY F 86 -17.69 40.76 -52.75
CA GLY F 86 -18.15 39.48 -53.27
C GLY F 86 -18.45 39.49 -54.75
N CYS F 87 -18.07 40.55 -55.46
CA CYS F 87 -18.35 40.53 -56.90
C CYS F 87 -17.32 39.62 -57.54
N LEU F 88 -17.77 38.44 -57.97
CA LEU F 88 -16.91 37.45 -58.58
C LEU F 88 -16.45 37.82 -60.01
N ALA F 89 -17.23 38.64 -60.70
CA ALA F 89 -16.83 39.04 -62.04
C ALA F 89 -15.67 40.00 -61.87
N SER F 90 -15.87 41.05 -61.08
CA SER F 90 -14.81 42.02 -60.84
C SER F 90 -13.52 41.33 -60.43
N VAL F 91 -13.65 40.34 -59.54
CA VAL F 91 -12.48 39.61 -59.09
C VAL F 91 -11.79 39.02 -60.27
N GLY F 92 -12.53 38.37 -61.15
CA GLY F 92 -11.95 37.75 -62.34
C GLY F 92 -11.17 38.76 -63.18
N VAL F 93 -11.83 39.86 -63.52
CA VAL F 93 -11.20 40.88 -64.31
C VAL F 93 -9.95 41.39 -63.62
N LEU F 94 -10.02 41.65 -62.32
CA LEU F 94 -8.87 42.18 -61.60
C LEU F 94 -7.73 41.20 -61.35
N THR F 95 -7.94 39.92 -61.67
CA THR F 95 -6.89 38.92 -61.45
C THR F 95 -6.45 38.26 -62.75
N GLN F 96 -7.34 38.25 -63.73
CA GLN F 96 -7.03 37.66 -65.03
C GLN F 96 -6.20 38.64 -65.84
N SER F 97 -6.65 39.88 -65.90
CA SER F 97 -5.93 40.90 -66.65
C SER F 97 -4.47 41.07 -66.24
N CYS F 98 -4.21 41.82 -65.17
CA CYS F 98 -2.84 42.07 -64.74
C CYS F 98 -2.16 40.80 -64.24
N THR F 99 -1.98 39.83 -65.14
CA THR F 99 -1.35 38.56 -64.77
C THR F 99 0.08 38.83 -64.27
N THR F 100 0.46 40.10 -64.29
CA THR F 100 1.78 40.54 -63.84
C THR F 100 2.06 40.06 -62.42
N PRO F 101 3.34 39.92 -62.04
CA PRO F 101 3.68 39.47 -60.70
C PRO F 101 3.21 40.50 -59.67
N HIS F 102 2.43 41.47 -60.14
CA HIS F 102 1.87 42.48 -59.25
C HIS F 102 0.78 41.81 -58.43
N LEU F 103 0.24 40.72 -58.96
CA LEU F 103 -0.78 39.95 -58.28
C LEU F 103 -0.21 39.51 -56.94
N HIS F 104 0.94 38.84 -56.99
CA HIS F 104 1.59 38.38 -55.78
C HIS F 104 1.66 39.50 -54.74
N SER F 105 1.92 40.72 -55.19
CA SER F 105 2.03 41.87 -54.28
C SER F 105 0.68 42.21 -53.66
N ILE F 106 -0.34 42.30 -54.51
CA ILE F 106 -1.68 42.63 -54.08
C ILE F 106 -2.17 41.58 -53.10
N LEU F 107 -2.12 40.32 -53.53
CA LEU F 107 -2.54 39.21 -52.69
C LEU F 107 -1.81 39.25 -51.36
N LYS F 108 -0.65 39.91 -51.35
CA LYS F 108 0.16 40.00 -50.15
C LYS F 108 -0.16 41.20 -49.27
N ALA F 109 -0.67 42.27 -49.89
CA ALA F 109 -0.96 43.52 -49.17
C ALA F 109 -2.18 43.52 -48.29
N THR F 110 -2.05 44.16 -47.14
CA THR F 110 -3.18 44.29 -46.23
C THR F 110 -3.61 45.76 -46.24
N ASN F 111 -4.84 46.05 -45.83
CA ASN F 111 -5.29 47.42 -45.81
C ASN F 111 -5.00 48.00 -44.43
N TYR F 112 -5.47 49.21 -44.16
CA TYR F 112 -5.21 49.83 -42.87
C TYR F 112 -5.86 49.13 -41.69
N ASN F 113 -6.56 48.03 -41.93
CA ASN F 113 -7.15 47.27 -40.83
C ASN F 113 -6.43 45.93 -40.81
N GLY F 114 -5.39 45.84 -41.62
CA GLY F 114 -4.57 44.65 -41.73
C GLY F 114 -5.30 43.48 -42.35
N HIS F 115 -5.81 43.68 -43.56
CA HIS F 115 -6.55 42.63 -44.20
C HIS F 115 -6.14 42.42 -45.62
N THR F 116 -5.92 41.16 -45.98
CA THR F 116 -5.57 40.82 -47.34
C THR F 116 -6.86 40.51 -48.06
N CYS F 117 -6.74 40.23 -49.35
CA CYS F 117 -7.89 39.88 -50.15
C CYS F 117 -8.52 38.64 -49.59
N LEU F 118 -7.73 37.61 -49.36
CA LEU F 118 -8.26 36.38 -48.78
C LEU F 118 -9.00 36.69 -47.47
N HIS F 119 -8.40 37.53 -46.63
CA HIS F 119 -9.05 37.87 -45.37
C HIS F 119 -10.41 38.51 -45.58
N LEU F 120 -10.49 39.49 -46.45
CA LEU F 120 -11.76 40.15 -46.69
C LEU F 120 -12.77 39.17 -47.24
N ALA F 121 -12.34 38.27 -48.11
CA ALA F 121 -13.27 37.31 -48.69
C ALA F 121 -13.77 36.39 -47.60
N SER F 122 -12.85 35.95 -46.74
CA SER F 122 -13.18 35.04 -45.62
C SER F 122 -14.06 35.72 -44.58
N ILE F 123 -13.84 36.99 -44.31
CA ILE F 123 -14.65 37.69 -43.35
C ILE F 123 -16.12 37.64 -43.78
N HIS F 124 -16.41 37.83 -45.04
CA HIS F 124 -17.81 37.67 -45.46
C HIS F 124 -17.78 36.20 -45.82
N GLY F 125 -18.83 35.59 -46.33
CA GLY F 125 -18.64 34.16 -46.53
C GLY F 125 -18.28 33.64 -47.89
N TYR F 126 -17.80 34.50 -48.77
CA TYR F 126 -17.49 34.18 -50.16
C TYR F 126 -16.45 33.07 -50.38
N LEU F 127 -16.87 31.84 -50.12
CA LEU F 127 -16.00 30.69 -50.26
C LEU F 127 -15.43 30.51 -51.65
N GLY F 128 -16.21 30.91 -52.65
CA GLY F 128 -15.81 30.77 -54.04
C GLY F 128 -14.65 31.69 -54.35
N ILE F 129 -14.70 32.92 -53.81
CA ILE F 129 -13.62 33.86 -54.00
C ILE F 129 -12.43 33.40 -53.15
N VAL F 130 -12.70 32.88 -51.95
CA VAL F 130 -11.63 32.40 -51.10
C VAL F 130 -10.82 31.33 -51.83
N GLU F 131 -11.50 30.28 -52.28
CA GLU F 131 -10.83 29.20 -53.01
C GLU F 131 -10.15 29.68 -54.31
N LEU F 132 -10.75 30.68 -54.97
CA LEU F 132 -10.15 31.19 -56.19
C LEU F 132 -8.86 31.91 -55.87
N LEU F 133 -8.89 32.75 -54.84
CA LEU F 133 -7.70 33.47 -54.41
C LEU F 133 -6.57 32.51 -54.04
N VAL F 134 -6.90 31.35 -53.49
CA VAL F 134 -5.85 30.42 -53.11
C VAL F 134 -5.19 29.75 -54.30
N SER F 135 -5.98 29.33 -55.27
CA SER F 135 -5.45 28.68 -56.46
C SER F 135 -4.74 29.70 -57.32
N LEU F 136 -4.89 30.96 -56.97
CA LEU F 136 -4.28 32.04 -57.71
C LEU F 136 -2.92 32.37 -57.15
N GLY F 137 -2.64 31.88 -55.94
CA GLY F 137 -1.38 32.04 -55.21
C GLY F 137 -1.38 32.81 -53.88
N ALA F 138 -2.57 33.14 -53.37
CA ALA F 138 -2.68 33.81 -52.07
C ALA F 138 -2.34 32.74 -51.03
N ASP F 139 -1.58 33.13 -50.02
CA ASP F 139 -1.19 32.21 -48.97
C ASP F 139 -2.25 31.95 -47.90
N VAL F 140 -2.87 30.77 -47.90
CA VAL F 140 -3.91 30.48 -46.88
C VAL F 140 -3.44 30.64 -45.46
N ASN F 141 -2.14 30.60 -45.24
CA ASN F 141 -1.67 30.75 -43.87
C ASN F 141 -1.19 32.17 -43.56
N ALA F 142 -1.44 33.10 -44.47
CA ALA F 142 -1.06 34.50 -44.24
C ALA F 142 -1.64 34.98 -42.92
N GLN F 143 -0.82 35.66 -42.12
CA GLN F 143 -1.28 36.15 -40.85
C GLN F 143 -1.57 37.65 -40.86
N GLU F 144 -2.65 38.02 -40.17
CA GLU F 144 -3.10 39.39 -40.02
C GLU F 144 -2.14 40.06 -39.00
N PRO F 145 -1.80 41.35 -39.18
CA PRO F 145 -0.86 42.09 -38.31
C PRO F 145 -1.18 42.40 -36.86
N CYS F 146 -2.44 42.65 -36.56
CA CYS F 146 -2.86 43.00 -35.22
C CYS F 146 -2.73 41.93 -34.16
N ASN F 147 -2.98 40.66 -34.52
CA ASN F 147 -2.95 39.56 -33.56
C ASN F 147 -2.27 38.32 -34.13
N GLY F 148 -1.95 38.39 -35.42
CA GLY F 148 -1.29 37.29 -36.07
C GLY F 148 -2.26 36.20 -36.45
N ARG F 149 -3.52 36.53 -36.64
CA ARG F 149 -4.49 35.50 -36.99
C ARG F 149 -4.47 35.06 -38.44
N THR F 150 -4.82 33.80 -38.68
CA THR F 150 -4.88 33.32 -40.05
C THR F 150 -6.35 33.22 -40.40
N ALA F 151 -6.66 33.11 -41.69
CA ALA F 151 -8.03 32.93 -42.15
C ALA F 151 -8.73 31.85 -41.30
N LEU F 152 -8.00 30.80 -40.92
CA LEU F 152 -8.56 29.73 -40.12
C LEU F 152 -9.05 30.27 -38.78
N HIS F 153 -8.22 31.08 -38.12
CA HIS F 153 -8.61 31.67 -36.86
C HIS F 153 -9.90 32.46 -37.07
N LEU F 154 -9.87 33.36 -38.03
CA LEU F 154 -11.01 34.18 -38.34
C LEU F 154 -12.25 33.32 -38.56
N ALA F 155 -12.05 32.16 -39.16
CA ALA F 155 -13.15 31.27 -39.44
C ALA F 155 -13.79 30.82 -38.13
N VAL F 156 -12.96 30.49 -37.15
CA VAL F 156 -13.48 30.08 -35.88
C VAL F 156 -14.16 31.29 -35.25
N ASP F 157 -13.49 32.43 -35.34
CA ASP F 157 -13.97 33.68 -34.78
C ASP F 157 -15.35 34.04 -35.37
N LEU F 158 -15.56 33.68 -36.62
CA LEU F 158 -16.80 33.94 -37.32
C LEU F 158 -17.76 32.78 -37.21
N GLN F 159 -17.33 31.70 -36.56
CA GLN F 159 -18.17 30.52 -36.41
C GLN F 159 -18.76 30.09 -37.77
N ASN F 160 -17.87 29.87 -38.74
CA ASN F 160 -18.29 29.47 -40.07
C ASN F 160 -17.70 28.13 -40.48
N PRO F 161 -18.34 27.02 -40.08
CA PRO F 161 -17.88 25.66 -40.40
C PRO F 161 -17.59 25.42 -41.88
N ASP F 162 -18.37 26.04 -42.76
CA ASP F 162 -18.08 25.88 -44.18
C ASP F 162 -16.73 26.52 -44.54
N LEU F 163 -16.47 27.72 -44.05
CA LEU F 163 -15.18 28.36 -44.32
C LEU F 163 -14.07 27.49 -43.77
N VAL F 164 -14.26 26.95 -42.56
CA VAL F 164 -13.26 26.09 -41.97
C VAL F 164 -12.95 24.94 -42.91
N SER F 165 -13.99 24.24 -43.35
CA SER F 165 -13.81 23.10 -44.25
C SER F 165 -13.04 23.44 -45.48
N LEU F 166 -13.42 24.56 -46.11
CA LEU F 166 -12.75 25.01 -47.30
C LEU F 166 -11.27 25.24 -47.05
N LEU F 167 -10.95 25.96 -45.97
CA LEU F 167 -9.57 26.28 -45.64
C LEU F 167 -8.71 25.03 -45.42
N LEU F 168 -9.29 24.03 -44.76
CA LEU F 168 -8.59 22.78 -44.50
C LEU F 168 -8.43 22.03 -45.83
N LYS F 169 -9.42 22.20 -46.69
CA LYS F 169 -9.35 21.53 -47.97
C LYS F 169 -8.21 22.16 -48.76
N CYS F 170 -7.87 23.41 -48.45
CA CYS F 170 -6.83 24.14 -49.16
C CYS F 170 -5.48 24.06 -48.49
N GLY F 171 -5.36 23.15 -47.53
CA GLY F 171 -4.11 22.96 -46.83
C GLY F 171 -3.76 23.95 -45.75
N ALA F 172 -4.75 24.60 -45.16
CA ALA F 172 -4.43 25.57 -44.11
C ALA F 172 -3.81 24.86 -42.90
N ASP F 173 -2.76 25.43 -42.35
CA ASP F 173 -2.08 24.86 -41.19
C ASP F 173 -2.84 25.07 -39.87
N VAL F 174 -3.51 24.02 -39.37
CA VAL F 174 -4.27 24.16 -38.14
C VAL F 174 -3.44 24.42 -36.89
N ASN F 175 -2.11 24.36 -37.01
CA ASN F 175 -1.26 24.61 -35.83
C ASN F 175 -0.54 25.97 -35.89
N ARG F 176 -0.90 26.83 -36.85
CA ARG F 176 -0.33 28.17 -36.91
C ARG F 176 -0.89 28.89 -35.72
N VAL F 177 -0.09 29.62 -34.96
CA VAL F 177 -0.65 30.27 -33.78
C VAL F 177 -0.61 31.77 -33.84
N THR F 178 -1.55 32.39 -33.14
CA THR F 178 -1.64 33.84 -33.07
C THR F 178 -0.49 34.31 -32.19
N TYR F 179 -0.30 35.62 -32.11
CA TYR F 179 0.75 36.22 -31.27
C TYR F 179 0.57 35.84 -29.81
N GLN F 180 -0.65 35.49 -29.41
CA GLN F 180 -0.90 35.07 -28.04
C GLN F 180 -0.55 33.60 -27.83
N GLY F 181 -0.07 32.99 -28.93
CA GLY F 181 0.30 31.59 -28.89
C GLY F 181 -0.84 30.60 -29.09
N TYR F 182 -1.98 31.05 -29.59
CA TYR F 182 -3.15 30.20 -29.76
C TYR F 182 -3.43 29.65 -31.15
N SER F 183 -3.96 28.43 -31.17
CA SER F 183 -4.31 27.79 -32.42
C SER F 183 -5.78 28.05 -32.65
N PRO F 184 -6.25 27.86 -33.88
CA PRO F 184 -7.65 28.07 -34.20
C PRO F 184 -8.53 27.28 -33.23
N TYR F 185 -8.09 26.06 -32.93
CA TYR F 185 -8.84 25.22 -32.03
C TYR F 185 -9.02 25.91 -30.69
N GLN F 186 -7.93 26.48 -30.17
CA GLN F 186 -8.00 27.15 -28.89
C GLN F 186 -8.90 28.39 -28.83
N LEU F 187 -9.28 28.93 -29.98
CA LEU F 187 -10.19 30.05 -29.98
C LEU F 187 -11.63 29.51 -29.91
N THR F 188 -11.84 28.19 -29.98
CA THR F 188 -13.22 27.68 -29.92
C THR F 188 -13.82 27.76 -28.50
N TRP F 189 -12.98 27.67 -27.48
CA TRP F 189 -13.54 27.74 -26.12
C TRP F 189 -14.25 29.06 -25.89
N GLY F 190 -15.52 28.97 -25.50
CA GLY F 190 -16.30 30.15 -25.25
C GLY F 190 -17.19 30.38 -26.44
N ARG F 191 -16.95 29.65 -27.53
CA ARG F 191 -17.81 29.85 -28.69
C ARG F 191 -18.74 28.66 -28.78
N PRO F 192 -19.96 28.86 -29.29
CA PRO F 192 -20.91 27.77 -29.37
C PRO F 192 -20.67 26.56 -30.26
N SER F 193 -20.13 26.77 -31.45
CA SER F 193 -19.97 25.67 -32.40
C SER F 193 -19.16 24.44 -32.07
N THR F 194 -19.84 23.31 -31.96
CA THR F 194 -19.17 22.04 -31.69
C THR F 194 -18.69 21.43 -33.01
N ARG F 195 -19.38 21.74 -34.09
CA ARG F 195 -18.99 21.23 -35.39
C ARG F 195 -17.57 21.67 -35.68
N ILE F 196 -17.28 22.95 -35.47
CA ILE F 196 -15.94 23.49 -35.72
C ILE F 196 -14.90 22.81 -34.84
N GLN F 197 -15.25 22.61 -33.58
CA GLN F 197 -14.34 21.95 -32.66
C GLN F 197 -14.05 20.51 -33.12
N GLN F 198 -14.97 19.90 -33.86
CA GLN F 198 -14.72 18.55 -34.37
C GLN F 198 -13.81 18.65 -35.60
N GLN F 199 -14.14 19.58 -36.49
CA GLN F 199 -13.34 19.73 -37.69
C GLN F 199 -11.89 19.99 -37.37
N LEU F 200 -11.60 20.48 -36.17
CA LEU F 200 -10.23 20.83 -35.85
C LEU F 200 -9.46 19.96 -34.89
N GLY F 201 -10.14 19.17 -34.07
CA GLY F 201 -9.43 18.29 -33.15
C GLY F 201 -8.43 17.31 -33.79
N GLN F 202 -7.66 17.78 -34.77
CA GLN F 202 -6.61 17.01 -35.48
C GLN F 202 -5.40 17.97 -35.50
N LEU F 203 -5.22 18.69 -34.40
CA LEU F 203 -4.12 19.57 -34.31
C LEU F 203 -3.39 19.22 -33.01
N THR F 204 -2.09 19.50 -32.95
CA THR F 204 -1.27 19.13 -31.82
C THR F 204 -1.98 19.19 -30.47
N LEU F 205 -1.89 18.09 -29.72
CA LEU F 205 -2.52 17.96 -28.40
C LEU F 205 -2.08 19.11 -27.53
N GLU F 206 -0.88 19.61 -27.75
CA GLU F 206 -0.35 20.70 -26.96
C GLU F 206 -0.96 22.06 -27.32
N ASN F 207 -1.80 22.09 -28.36
CA ASN F 207 -2.45 23.31 -28.84
C ASN F 207 -3.96 23.24 -28.72
N LEU F 208 -4.47 22.44 -27.80
CA LEU F 208 -5.92 22.29 -27.68
C LEU F 208 -6.56 23.06 -26.49
N GLN F 209 -6.05 22.87 -25.28
CA GLN F 209 -6.64 23.54 -24.12
C GLN F 209 -5.97 24.88 -23.81
N MET F 210 -6.67 25.72 -23.02
CA MET F 210 -6.15 27.00 -22.61
C MET F 210 -5.11 26.77 -21.51
N LEU F 211 -4.84 27.80 -20.73
CA LEU F 211 -3.86 27.69 -19.66
C LEU F 211 -4.51 28.24 -18.40
N PRO F 212 -3.89 28.05 -17.24
CA PRO F 212 -4.44 28.52 -15.97
C PRO F 212 -3.68 29.71 -15.36
N GLU F 213 -3.57 29.67 -14.03
CA GLU F 213 -2.85 30.67 -13.22
C GLU F 213 -3.61 31.97 -12.95
#